data_2YIP
#
_entry.id   2YIP
#
_cell.length_a   53.310
_cell.length_b   130.000
_cell.length_c   158.850
_cell.angle_alpha   90.00
_cell.angle_beta   90.00
_cell.angle_gamma   90.00
#
_symmetry.space_group_name_H-M   'P 21 21 21'
#
loop_
_entity.id
_entity.type
_entity.pdbx_description
1 polymer 'MICRONEME ANTIGEN L2'
2 non-polymer 1-thio-beta-D-galactopyranose
3 non-polymer 'CHLORIDE ION'
4 non-polymer GLYCEROL
5 water water
#
_entity_poly.entity_id   1
_entity_poly.type   'polypeptide(L)'
_entity_poly.pdbx_seq_one_letter_code
;AGPQLDVSCFAHDKNIGSRTEQLSVVHVASAQDCMKECQALPTCSHFTYNKNSKKCHLKAGAPEFYTYTGDMTGPRSCEH
NCSDACWMDGNNPLAVWDYSGQPPALCWAACMGTPGCDLYTFQGMTCKLYSQTSSKRA
;
_entity_poly.pdbx_strand_id   A,B,C,D,E,F
#
loop_
_chem_comp.id
_chem_comp.type
_chem_comp.name
_chem_comp.formula
CL non-polymer 'CHLORIDE ION' 'Cl -1'
GOL non-polymer GLYCEROL 'C3 H8 O3'
YIO D-saccharide, beta linking 1-thio-beta-D-galactopyranose 'C6 H12 O5 S'
#
# COMPACT_ATOMS: atom_id res chain seq x y z
N GLN A 4 -21.53 -66.75 -22.08
CA GLN A 4 -22.35 -65.91 -23.01
C GLN A 4 -22.76 -64.55 -22.35
N LEU A 5 -23.52 -63.74 -23.09
CA LEU A 5 -24.13 -62.54 -22.55
C LEU A 5 -25.05 -62.87 -21.38
N ASP A 6 -25.02 -62.04 -20.35
CA ASP A 6 -25.85 -62.27 -19.17
C ASP A 6 -27.30 -61.88 -19.43
N VAL A 7 -28.17 -62.86 -19.29
CA VAL A 7 -29.59 -62.73 -19.47
C VAL A 7 -30.35 -63.05 -18.19
N SER A 8 -29.70 -62.94 -17.05
CA SER A 8 -30.41 -63.39 -15.84
C SER A 8 -31.25 -62.30 -15.21
N CYS A 9 -31.13 -61.04 -15.62
CA CYS A 9 -31.81 -59.94 -14.90
C CYS A 9 -33.30 -59.86 -15.20
N PHE A 10 -33.79 -60.60 -16.19
CA PHE A 10 -35.22 -60.54 -16.51
C PHE A 10 -35.77 -61.94 -16.46
N ALA A 11 -37.07 -62.05 -16.21
CA ALA A 11 -37.74 -63.40 -16.17
C ALA A 11 -37.86 -64.04 -17.52
N HIS A 12 -37.57 -65.36 -17.58
CA HIS A 12 -37.74 -66.14 -18.80
C HIS A 12 -39.07 -66.86 -18.93
N ASP A 13 -39.80 -66.99 -17.84
CA ASP A 13 -40.95 -67.90 -17.83
C ASP A 13 -42.21 -67.22 -17.32
N LYS A 14 -42.42 -65.95 -17.64
CA LYS A 14 -43.63 -65.22 -17.20
C LYS A 14 -44.43 -64.64 -18.36
N ASN A 15 -44.07 -65.06 -19.57
CA ASN A 15 -44.80 -64.69 -20.74
C ASN A 15 -44.86 -63.16 -20.89
N ILE A 16 -43.80 -62.47 -20.52
CA ILE A 16 -43.75 -61.02 -20.66
C ILE A 16 -43.27 -60.65 -22.08
N GLY A 17 -44.16 -60.06 -22.87
CA GLY A 17 -43.81 -59.49 -24.16
C GLY A 17 -43.79 -57.98 -24.15
N SER A 18 -43.34 -57.38 -25.25
CA SER A 18 -43.40 -55.95 -25.44
C SER A 18 -44.03 -55.73 -26.77
N ARG A 19 -44.96 -54.77 -26.88
CA ARG A 19 -45.61 -54.53 -28.17
C ARG A 19 -44.87 -53.51 -28.98
N THR A 20 -43.79 -52.95 -28.49
CA THR A 20 -43.14 -51.87 -29.19
C THR A 20 -42.81 -52.25 -30.63
N GLU A 21 -42.98 -51.29 -31.52
CA GLU A 21 -42.72 -51.51 -32.92
C GLU A 21 -41.31 -52.07 -33.15
N GLN A 22 -41.22 -53.07 -34.03
CA GLN A 22 -39.97 -53.80 -34.28
C GLN A 22 -38.99 -53.05 -35.12
N LEU A 23 -37.73 -53.12 -34.79
CA LEU A 23 -36.64 -52.82 -35.68
C LEU A 23 -36.41 -53.95 -36.66
N SER A 24 -36.70 -55.16 -36.20
CA SER A 24 -36.44 -56.37 -36.95
C SER A 24 -36.75 -57.58 -36.15
N VAL A 25 -36.78 -58.68 -36.89
CA VAL A 25 -37.15 -59.94 -36.34
C VAL A 25 -36.20 -61.00 -36.92
N VAL A 26 -35.74 -61.93 -36.07
CA VAL A 26 -34.78 -62.97 -36.52
C VAL A 26 -34.99 -64.23 -35.69
N HIS A 27 -34.79 -65.40 -36.30
CA HIS A 27 -34.90 -66.63 -35.56
C HIS A 27 -33.54 -66.92 -34.91
N VAL A 28 -33.56 -67.16 -33.60
CA VAL A 28 -32.38 -67.58 -32.89
C VAL A 28 -32.80 -68.56 -31.81
N ALA A 29 -31.81 -69.28 -31.26
CA ALA A 29 -32.15 -70.39 -30.35
C ALA A 29 -32.06 -70.00 -28.92
N SER A 30 -31.65 -68.76 -28.60
CA SER A 30 -31.58 -68.41 -27.17
C SER A 30 -31.75 -66.91 -26.94
N ALA A 31 -32.08 -66.59 -25.70
CA ALA A 31 -32.22 -65.23 -25.24
C ALA A 31 -30.92 -64.50 -25.39
N GLN A 32 -29.80 -65.18 -25.12
CA GLN A 32 -28.46 -64.60 -25.27
C GLN A 32 -28.21 -64.19 -26.68
N ASP A 33 -28.61 -65.04 -27.65
CA ASP A 33 -28.45 -64.68 -29.09
C ASP A 33 -29.34 -63.50 -29.43
N CYS A 34 -30.52 -63.42 -28.81
CA CYS A 34 -31.42 -62.31 -29.09
C CYS A 34 -30.78 -61.02 -28.59
N MET A 35 -30.20 -61.05 -27.40
CA MET A 35 -29.52 -59.91 -26.87
C MET A 35 -28.37 -59.53 -27.71
N LYS A 36 -27.65 -60.50 -28.24
CA LYS A 36 -26.53 -60.16 -29.11
C LYS A 36 -27.03 -59.44 -30.36
N GLU A 37 -28.18 -59.84 -30.88
CA GLU A 37 -28.74 -59.21 -32.09
C GLU A 37 -29.22 -57.81 -31.75
N CYS A 38 -29.71 -57.65 -30.52
CA CYS A 38 -30.11 -56.30 -30.03
C CYS A 38 -28.87 -55.42 -30.00
N GLN A 39 -27.81 -55.93 -29.41
CA GLN A 39 -26.60 -55.14 -29.27
C GLN A 39 -25.91 -54.80 -30.59
N ALA A 40 -26.17 -55.58 -31.64
CA ALA A 40 -25.61 -55.27 -32.96
C ALA A 40 -26.33 -54.08 -33.62
N LEU A 41 -27.54 -53.70 -33.13
CA LEU A 41 -28.25 -52.53 -33.66
C LEU A 41 -28.10 -51.33 -32.72
N PRO A 42 -27.52 -50.19 -33.20
CA PRO A 42 -27.31 -49.01 -32.35
C PRO A 42 -28.55 -48.51 -31.61
N THR A 43 -29.73 -48.62 -32.19
CA THR A 43 -30.91 -48.12 -31.55
C THR A 43 -31.80 -49.16 -30.86
N CYS A 44 -31.40 -50.44 -30.78
CA CYS A 44 -32.16 -51.42 -30.03
C CYS A 44 -32.05 -51.18 -28.50
N SER A 45 -33.20 -50.94 -27.87
CA SER A 45 -33.31 -50.69 -26.41
C SER A 45 -33.60 -51.95 -25.69
N HIS A 46 -34.47 -52.77 -26.30
CA HIS A 46 -34.88 -54.02 -25.74
C HIS A 46 -35.36 -54.99 -26.78
N PHE A 47 -35.66 -56.20 -26.32
CA PHE A 47 -36.06 -57.28 -27.25
C PHE A 47 -37.05 -58.15 -26.58
N THR A 48 -37.92 -58.77 -27.38
CA THR A 48 -38.75 -59.86 -26.93
C THR A 48 -38.36 -61.14 -27.66
N TYR A 49 -38.03 -62.20 -26.89
CA TYR A 49 -37.67 -63.50 -27.45
C TYR A 49 -38.73 -64.49 -27.05
N ASN A 50 -39.23 -65.29 -27.99
CA ASN A 50 -40.29 -66.28 -27.71
C ASN A 50 -39.65 -67.68 -27.82
N LYS A 51 -39.75 -68.45 -26.77
CA LYS A 51 -39.14 -69.76 -26.67
C LYS A 51 -39.69 -70.78 -27.67
N ASN A 52 -40.96 -70.57 -28.10
CA ASN A 52 -41.70 -71.54 -28.90
C ASN A 52 -41.49 -71.23 -30.35
N SER A 53 -41.69 -69.98 -30.72
CA SER A 53 -41.48 -69.62 -32.11
C SER A 53 -39.98 -69.44 -32.42
N LYS A 54 -39.14 -69.27 -31.41
CA LYS A 54 -37.70 -68.94 -31.62
C LYS A 54 -37.43 -67.62 -32.34
N LYS A 55 -38.43 -66.76 -32.32
CA LYS A 55 -38.35 -65.45 -32.90
C LYS A 55 -37.84 -64.45 -31.86
N CYS A 56 -36.85 -63.68 -32.28
CA CYS A 56 -36.24 -62.57 -31.54
C CYS A 56 -36.69 -61.25 -32.20
N HIS A 57 -37.41 -60.42 -31.44
CA HIS A 57 -37.99 -59.14 -31.91
C HIS A 57 -37.28 -58.00 -31.27
N LEU A 58 -36.55 -57.26 -32.08
CA LEU A 58 -35.68 -56.22 -31.60
C LEU A 58 -36.43 -54.87 -31.67
N LYS A 59 -36.26 -54.05 -30.65
CA LYS A 59 -37.13 -52.84 -30.50
C LYS A 59 -36.35 -51.62 -30.10
N ALA A 60 -36.71 -50.47 -30.67
CA ALA A 60 -36.07 -49.19 -30.38
C ALA A 60 -36.75 -48.40 -29.23
N GLY A 61 -38.05 -48.29 -29.28
CA GLY A 61 -38.78 -47.43 -28.33
C GLY A 61 -38.83 -48.02 -26.92
N ALA A 62 -39.51 -47.33 -26.04
CA ALA A 62 -39.71 -47.76 -24.67
C ALA A 62 -40.55 -49.03 -24.69
N PRO A 63 -40.37 -49.92 -23.70
CA PRO A 63 -41.19 -51.14 -23.61
C PRO A 63 -42.70 -50.86 -23.42
N GLU A 64 -43.53 -51.72 -23.97
CA GLU A 64 -44.96 -51.67 -23.85
C GLU A 64 -45.33 -53.10 -23.50
N PHE A 65 -45.28 -53.40 -22.22
CA PHE A 65 -45.43 -54.78 -21.75
C PHE A 65 -46.82 -55.31 -21.94
N TYR A 66 -46.96 -56.59 -22.21
CA TYR A 66 -48.22 -57.33 -22.24
C TYR A 66 -47.91 -58.83 -22.04
N THR A 67 -48.93 -59.66 -21.97
CA THR A 67 -48.77 -61.09 -21.75
C THR A 67 -48.92 -61.83 -23.08
N TYR A 68 -47.95 -62.69 -23.40
CA TYR A 68 -48.07 -63.55 -24.58
C TYR A 68 -47.22 -64.77 -24.31
N THR A 69 -47.80 -65.93 -24.56
CA THR A 69 -47.25 -67.20 -24.14
C THR A 69 -45.85 -67.49 -24.68
N GLY A 70 -44.93 -67.80 -23.77
CA GLY A 70 -43.54 -68.09 -24.14
C GLY A 70 -42.63 -66.90 -24.41
N ASP A 71 -43.16 -65.67 -24.33
CA ASP A 71 -42.35 -64.44 -24.42
C ASP A 71 -41.46 -64.20 -23.20
N MET A 72 -40.31 -63.56 -23.46
CA MET A 72 -39.50 -62.94 -22.40
C MET A 72 -38.94 -61.66 -22.99
N THR A 73 -38.87 -60.61 -22.16
CA THR A 73 -38.42 -59.32 -22.56
C THR A 73 -37.18 -58.91 -21.81
N GLY A 74 -36.08 -58.71 -22.57
CA GLY A 74 -34.86 -58.20 -21.97
C GLY A 74 -34.37 -56.85 -22.43
N PRO A 75 -33.45 -56.26 -21.65
CA PRO A 75 -32.85 -55.02 -21.97
C PRO A 75 -31.74 -55.21 -22.97
N ARG A 76 -31.25 -54.13 -23.54
CA ARG A 76 -30.14 -54.18 -24.48
C ARG A 76 -28.96 -54.91 -23.81
N SER A 77 -28.78 -54.65 -22.52
CA SER A 77 -27.76 -55.29 -21.68
C SER A 77 -28.26 -55.33 -20.23
N CYS A 78 -28.00 -56.42 -19.53
CA CYS A 78 -28.42 -56.50 -18.16
C CYS A 78 -27.46 -55.68 -17.28
N GLU A 79 -26.39 -55.11 -17.79
CA GLU A 79 -25.43 -54.43 -16.95
C GLU A 79 -25.86 -52.98 -16.48
N HIS A 80 -26.92 -52.46 -17.08
CA HIS A 80 -27.49 -51.18 -16.68
C HIS A 80 -28.33 -51.36 -15.38
N ASN A 81 -27.66 -51.35 -14.22
CA ASN A 81 -28.27 -51.78 -12.99
C ASN A 81 -28.41 -50.67 -11.98
N CYS A 82 -28.21 -49.46 -12.45
CA CYS A 82 -28.50 -48.27 -11.63
C CYS A 82 -30.01 -48.17 -11.36
N SER A 83 -30.34 -47.76 -10.16
CA SER A 83 -31.76 -47.58 -9.78
C SER A 83 -32.04 -46.32 -8.99
N ASP A 84 -31.05 -45.64 -8.48
CA ASP A 84 -31.33 -44.48 -7.62
C ASP A 84 -31.46 -43.15 -8.36
N ALA A 85 -30.44 -42.72 -9.10
CA ALA A 85 -30.48 -41.47 -9.90
C ALA A 85 -29.59 -41.78 -11.10
N CYS A 86 -30.19 -42.08 -12.24
CA CYS A 86 -29.37 -42.71 -13.27
C CYS A 86 -29.36 -41.86 -14.53
N TRP A 87 -28.27 -41.14 -14.73
CA TRP A 87 -28.10 -40.30 -15.92
C TRP A 87 -27.54 -41.15 -17.04
N MET A 88 -28.06 -40.99 -18.24
CA MET A 88 -27.65 -41.81 -19.36
C MET A 88 -26.20 -41.55 -19.73
N ASP A 89 -25.73 -40.31 -19.59
CA ASP A 89 -24.35 -39.94 -19.94
C ASP A 89 -23.50 -39.78 -18.70
N GLY A 90 -24.02 -40.09 -17.54
CA GLY A 90 -23.23 -40.02 -16.34
C GLY A 90 -23.31 -38.62 -15.75
N ASN A 91 -23.16 -38.52 -14.44
CA ASN A 91 -23.26 -37.22 -13.77
C ASN A 91 -22.85 -37.37 -12.32
N ASN A 92 -21.72 -36.78 -11.95
CA ASN A 92 -21.28 -36.84 -10.60
C ASN A 92 -21.95 -35.79 -9.72
N PRO A 93 -22.32 -36.21 -8.51
CA PRO A 93 -23.02 -35.34 -7.57
C PRO A 93 -22.13 -34.20 -7.07
N LEU A 94 -22.76 -33.06 -6.84
CA LEU A 94 -22.12 -31.94 -6.18
C LEU A 94 -21.89 -32.28 -4.71
N ALA A 95 -22.82 -33.03 -4.11
CA ALA A 95 -22.75 -33.25 -2.68
C ALA A 95 -23.54 -34.50 -2.32
N VAL A 96 -23.14 -35.20 -1.25
CA VAL A 96 -23.77 -36.47 -0.87
C VAL A 96 -23.82 -36.46 0.63
N TRP A 97 -25.00 -36.32 1.18
CA TRP A 97 -25.08 -36.14 2.61
C TRP A 97 -26.09 -37.10 3.25
N ASP A 98 -25.84 -37.36 4.51
CA ASP A 98 -26.73 -38.19 5.32
C ASP A 98 -27.81 -37.30 5.95
N TYR A 99 -29.02 -37.47 5.49
CA TYR A 99 -30.21 -36.76 5.92
C TYR A 99 -31.22 -37.73 6.56
N SER A 100 -30.73 -38.80 7.15
CA SER A 100 -31.60 -39.68 8.00
C SER A 100 -32.29 -38.84 9.08
N GLY A 101 -33.59 -39.04 9.22
CA GLY A 101 -34.40 -38.33 10.23
C GLY A 101 -34.86 -36.96 9.73
N GLN A 102 -34.59 -36.65 8.45
CA GLN A 102 -34.90 -35.37 7.89
C GLN A 102 -35.95 -35.55 6.86
N PRO A 103 -36.87 -34.57 6.74
CA PRO A 103 -37.83 -34.59 5.65
C PRO A 103 -37.20 -34.24 4.30
N PRO A 104 -37.82 -34.68 3.22
CA PRO A 104 -37.35 -34.26 1.90
C PRO A 104 -37.15 -32.71 1.83
N ALA A 105 -38.06 -31.93 2.41
CA ALA A 105 -37.96 -30.49 2.33
C ALA A 105 -36.62 -29.95 2.83
N LEU A 106 -35.91 -30.64 3.73
CA LEU A 106 -34.57 -30.17 4.10
C LEU A 106 -33.50 -30.48 3.07
N CYS A 107 -33.75 -31.49 2.22
CA CYS A 107 -32.80 -31.80 1.17
C CYS A 107 -33.04 -30.77 0.07
N TRP A 108 -34.32 -30.42 -0.14
CA TRP A 108 -34.70 -29.29 -0.99
C TRP A 108 -33.96 -28.05 -0.51
N ALA A 109 -33.89 -27.86 0.80
CA ALA A 109 -33.21 -26.67 1.34
C ALA A 109 -31.70 -26.69 1.08
N ALA A 110 -31.11 -27.87 1.17
CA ALA A 110 -29.68 -28.06 0.90
C ALA A 110 -29.45 -27.65 -0.55
N CYS A 111 -30.31 -28.07 -1.44
CA CYS A 111 -30.15 -27.68 -2.83
C CYS A 111 -30.32 -26.14 -3.04
N MET A 112 -31.38 -25.57 -2.47
CA MET A 112 -31.57 -24.12 -2.48
C MET A 112 -30.29 -23.40 -2.05
N GLY A 113 -29.69 -23.86 -0.96
CA GLY A 113 -28.52 -23.25 -0.41
C GLY A 113 -27.17 -23.60 -1.03
N THR A 114 -27.13 -24.36 -2.13
CA THR A 114 -25.86 -24.80 -2.73
C THR A 114 -25.81 -24.21 -4.14
N PRO A 115 -24.90 -23.24 -4.33
CA PRO A 115 -24.78 -22.62 -5.64
C PRO A 115 -24.45 -23.70 -6.71
N GLY A 116 -25.14 -23.69 -7.81
CA GLY A 116 -24.95 -24.69 -8.84
C GLY A 116 -25.94 -25.83 -8.72
N CYS A 117 -26.59 -26.01 -7.56
CA CYS A 117 -27.57 -27.12 -7.44
C CYS A 117 -28.79 -26.90 -8.23
N ASP A 118 -29.11 -27.80 -9.12
CA ASP A 118 -30.33 -27.69 -9.91
C ASP A 118 -31.44 -28.65 -9.49
N LEU A 119 -31.03 -29.75 -8.86
CA LEU A 119 -31.93 -30.84 -8.48
C LEU A 119 -31.31 -31.67 -7.39
N TYR A 120 -32.16 -32.39 -6.64
CA TYR A 120 -31.68 -33.29 -5.61
C TYR A 120 -32.35 -34.66 -5.75
N THR A 121 -31.77 -35.69 -5.16
CA THR A 121 -32.50 -36.93 -5.04
C THR A 121 -32.43 -37.26 -3.58
N PHE A 122 -33.43 -38.00 -3.06
CA PHE A 122 -33.45 -38.31 -1.63
C PHE A 122 -34.01 -39.71 -1.44
N GLN A 123 -33.24 -40.69 -1.90
CA GLN A 123 -33.58 -42.10 -1.73
C GLN A 123 -32.92 -42.58 -0.49
N GLY A 124 -33.68 -43.28 0.34
CA GLY A 124 -33.15 -43.78 1.57
C GLY A 124 -32.73 -42.68 2.46
N MET A 125 -31.51 -42.79 3.00
CA MET A 125 -30.93 -41.78 3.91
C MET A 125 -30.09 -40.69 3.22
N THR A 126 -29.96 -40.77 1.91
CA THR A 126 -28.95 -40.05 1.23
C THR A 126 -29.54 -38.83 0.54
N CYS A 127 -29.11 -37.64 0.96
CA CYS A 127 -29.51 -36.44 0.18
C CYS A 127 -28.38 -36.16 -0.78
N LYS A 128 -28.67 -36.21 -2.08
CA LYS A 128 -27.62 -35.97 -3.10
C LYS A 128 -27.98 -34.81 -4.00
N LEU A 129 -27.06 -33.89 -4.19
CA LEU A 129 -27.27 -32.72 -4.99
C LEU A 129 -26.58 -32.79 -6.36
N TYR A 130 -27.25 -32.35 -7.42
CA TYR A 130 -26.73 -32.43 -8.77
C TYR A 130 -26.88 -31.10 -9.45
N SER A 131 -25.89 -30.82 -10.29
CA SER A 131 -25.99 -29.80 -11.30
C SER A 131 -26.43 -30.49 -12.61
N GLN A 132 -27.23 -29.86 -13.44
CA GLN A 132 -27.55 -30.50 -14.73
C GLN A 132 -26.31 -30.68 -15.58
N THR A 133 -26.27 -31.74 -16.40
CA THR A 133 -25.15 -32.06 -17.34
C THR A 133 -24.84 -30.93 -18.29
N SER A 134 -23.54 -30.63 -18.44
CA SER A 134 -23.05 -29.26 -18.81
C SER A 134 -23.67 -28.65 -20.09
N GLN B 4 -51.19 -20.26 10.66
CA GLN B 4 -51.68 -21.47 9.91
C GLN B 4 -50.67 -22.08 8.90
N LEU B 5 -49.43 -22.44 9.35
CA LEU B 5 -48.29 -23.04 8.51
C LEU B 5 -47.83 -24.46 8.97
N ASP B 6 -47.64 -25.40 8.04
CA ASP B 6 -47.29 -26.82 8.37
C ASP B 6 -45.84 -26.98 8.85
N VAL B 7 -45.71 -27.35 10.13
CA VAL B 7 -44.46 -27.65 10.75
C VAL B 7 -44.36 -29.14 11.18
N SER B 8 -45.18 -30.00 10.58
CA SER B 8 -45.22 -31.39 11.04
C SER B 8 -44.13 -32.30 10.43
N CYS B 9 -43.46 -31.82 9.39
CA CYS B 9 -42.57 -32.65 8.60
C CYS B 9 -41.22 -32.80 9.21
N PHE B 10 -40.89 -32.02 10.24
CA PHE B 10 -39.59 -32.18 10.88
C PHE B 10 -39.79 -32.47 12.31
N ALA B 11 -38.79 -33.02 12.99
CA ALA B 11 -38.95 -33.33 14.43
C ALA B 11 -38.78 -32.09 15.31
N HIS B 12 -39.63 -31.95 16.30
CA HIS B 12 -39.53 -30.84 17.28
C HIS B 12 -38.79 -31.24 18.56
N ASP B 13 -38.70 -32.54 18.82
CA ASP B 13 -38.14 -33.02 20.08
C ASP B 13 -36.89 -33.91 19.93
N LYS B 14 -36.09 -33.68 18.89
CA LYS B 14 -34.81 -34.43 18.78
C LYS B 14 -33.52 -33.62 18.83
N ASN B 15 -33.58 -32.38 19.34
CA ASN B 15 -32.37 -31.57 19.55
C ASN B 15 -31.52 -31.34 18.30
N ILE B 16 -32.18 -31.27 17.14
CA ILE B 16 -31.51 -31.02 15.85
C ILE B 16 -31.37 -29.50 15.60
N GLY B 17 -30.13 -29.03 15.66
CA GLY B 17 -29.78 -27.74 15.19
C GLY B 17 -29.07 -27.74 13.85
N SER B 18 -28.89 -26.53 13.33
CA SER B 18 -28.08 -26.28 12.17
C SER B 18 -27.04 -25.18 12.46
N ARG B 19 -25.76 -25.47 12.18
CA ARG B 19 -24.67 -24.46 12.37
C ARG B 19 -24.57 -23.46 11.21
N THR B 20 -25.36 -23.60 10.15
CA THR B 20 -25.22 -22.71 9.02
C THR B 20 -25.33 -21.26 9.47
N GLU B 21 -24.47 -20.44 8.88
CA GLU B 21 -24.42 -19.03 9.09
C GLU B 21 -25.81 -18.39 8.94
N GLN B 22 -26.16 -17.54 9.85
CA GLN B 22 -27.47 -16.97 9.74
C GLN B 22 -27.59 -15.74 8.91
N LEU B 23 -28.82 -15.54 8.53
CA LEU B 23 -29.28 -14.40 7.83
C LEU B 23 -30.00 -13.43 8.72
N SER B 24 -30.59 -13.93 9.79
CA SER B 24 -31.33 -13.12 10.72
C SER B 24 -31.54 -13.91 12.01
N VAL B 25 -31.72 -13.19 13.09
CA VAL B 25 -32.10 -13.78 14.38
C VAL B 25 -33.20 -12.90 14.99
N VAL B 26 -34.25 -13.59 15.43
CA VAL B 26 -35.40 -13.01 16.16
C VAL B 26 -35.80 -13.97 17.31
N HIS B 27 -36.65 -13.50 18.24
CA HIS B 27 -37.26 -14.37 19.24
C HIS B 27 -38.70 -14.51 18.83
N VAL B 28 -39.18 -15.75 18.79
CA VAL B 28 -40.60 -15.99 18.47
C VAL B 28 -41.17 -17.06 19.40
N ALA B 29 -42.50 -17.12 19.41
CA ALA B 29 -43.28 -17.93 20.34
C ALA B 29 -43.41 -19.40 19.91
N SER B 30 -43.20 -19.68 18.62
CA SER B 30 -43.41 -21.03 18.11
C SER B 30 -42.60 -21.30 16.82
N ALA B 31 -42.49 -22.60 16.50
CA ALA B 31 -41.76 -23.03 15.30
C ALA B 31 -42.44 -22.50 14.09
N GLN B 32 -43.76 -22.40 14.15
CA GLN B 32 -44.53 -21.89 13.06
C GLN B 32 -44.23 -20.44 12.78
N ASP B 33 -44.10 -19.63 13.83
CA ASP B 33 -43.71 -18.24 13.67
C ASP B 33 -42.27 -18.16 13.09
N CYS B 34 -41.41 -19.07 13.46
CA CYS B 34 -40.04 -19.09 12.91
C CYS B 34 -40.08 -19.39 11.40
N MET B 35 -40.91 -20.34 10.99
CA MET B 35 -41.06 -20.62 9.60
C MET B 35 -41.59 -19.42 8.84
N LYS B 36 -42.58 -18.77 9.42
CA LYS B 36 -43.12 -17.54 8.83
C LYS B 36 -42.02 -16.47 8.65
N GLU B 37 -41.15 -16.33 9.62
CA GLU B 37 -39.99 -15.41 9.45
C GLU B 37 -39.12 -15.83 8.29
N CYS B 38 -38.95 -17.14 8.10
CA CYS B 38 -38.04 -17.69 7.07
C CYS B 38 -38.67 -17.38 5.73
N GLN B 39 -39.96 -17.59 5.63
CA GLN B 39 -40.68 -17.33 4.37
C GLN B 39 -40.76 -15.86 3.95
N ALA B 40 -40.69 -14.95 4.89
CA ALA B 40 -40.58 -13.50 4.58
C ALA B 40 -39.20 -13.07 4.05
N LEU B 41 -38.18 -13.94 4.09
CA LEU B 41 -36.86 -13.62 3.56
C LEU B 41 -36.59 -14.44 2.30
N PRO B 42 -36.41 -13.78 1.13
CA PRO B 42 -36.22 -14.51 -0.11
C PRO B 42 -35.15 -15.56 -0.06
N THR B 43 -34.05 -15.38 0.68
CA THR B 43 -33.01 -16.42 0.57
C THR B 43 -33.00 -17.40 1.74
N CYS B 44 -33.96 -17.37 2.65
CA CYS B 44 -33.95 -18.34 3.75
C CYS B 44 -34.30 -19.72 3.24
N SER B 45 -33.40 -20.66 3.41
CA SER B 45 -33.63 -22.07 3.04
C SER B 45 -34.16 -22.90 4.22
N HIS B 46 -33.74 -22.56 5.43
CA HIS B 46 -34.17 -23.30 6.59
C HIS B 46 -33.98 -22.49 7.84
N PHE B 47 -34.44 -23.03 8.95
CA PHE B 47 -34.29 -22.35 10.24
C PHE B 47 -34.08 -23.29 11.33
N THR B 48 -33.45 -22.78 12.40
CA THR B 48 -33.41 -23.49 13.68
C THR B 48 -34.10 -22.66 14.74
N TYR B 49 -35.06 -23.29 15.41
CA TYR B 49 -35.84 -22.66 16.49
C TYR B 49 -35.50 -23.41 17.75
N ASN B 50 -35.26 -22.72 18.85
CA ASN B 50 -35.03 -23.36 20.13
C ASN B 50 -36.22 -23.14 21.08
N LYS B 51 -36.75 -24.25 21.57
CA LYS B 51 -37.95 -24.20 22.40
C LYS B 51 -37.70 -23.63 23.78
N ASN B 52 -36.47 -23.66 24.25
CA ASN B 52 -36.11 -23.11 25.56
C ASN B 52 -35.77 -21.62 25.49
N SER B 53 -34.91 -21.21 24.57
CA SER B 53 -34.49 -19.82 24.49
C SER B 53 -35.50 -18.97 23.70
N LYS B 54 -36.31 -19.64 22.89
CA LYS B 54 -37.24 -19.06 21.93
C LYS B 54 -36.54 -18.27 20.80
N LYS B 55 -35.23 -18.50 20.64
CA LYS B 55 -34.45 -17.90 19.54
C LYS B 55 -34.78 -18.63 18.22
N CYS B 56 -35.00 -17.86 17.18
CA CYS B 56 -35.25 -18.32 15.81
C CYS B 56 -34.17 -17.80 14.89
N HIS B 57 -33.40 -18.71 14.31
CA HIS B 57 -32.28 -18.40 13.46
C HIS B 57 -32.61 -18.76 12.02
N LEU B 58 -32.69 -17.76 11.14
CA LEU B 58 -33.01 -17.98 9.74
C LEU B 58 -31.69 -18.14 8.98
N LYS B 59 -31.62 -19.07 8.01
CA LYS B 59 -30.38 -19.48 7.39
C LYS B 59 -30.55 -19.63 5.87
N ALA B 60 -29.52 -19.22 5.10
CA ALA B 60 -29.55 -19.23 3.65
C ALA B 60 -28.85 -20.48 3.10
N GLY B 61 -27.74 -20.87 3.69
CA GLY B 61 -26.92 -21.96 3.10
C GLY B 61 -27.56 -23.34 3.39
N ALA B 62 -26.93 -24.39 2.91
CA ALA B 62 -27.36 -25.76 3.10
C ALA B 62 -27.27 -26.02 4.59
N PRO B 63 -28.19 -26.84 5.12
CA PRO B 63 -28.10 -27.23 6.53
C PRO B 63 -26.80 -27.86 6.92
N GLU B 64 -26.37 -27.60 8.16
CA GLU B 64 -25.22 -28.26 8.77
C GLU B 64 -25.64 -28.82 10.15
N PHE B 65 -26.15 -30.05 10.15
CA PHE B 65 -26.82 -30.57 11.31
C PHE B 65 -25.88 -30.88 12.44
N TYR B 66 -26.36 -30.64 13.67
CA TYR B 66 -25.64 -30.95 14.89
C TYR B 66 -26.66 -31.03 16.00
N THR B 67 -26.19 -31.43 17.17
CA THR B 67 -27.07 -31.71 18.31
C THR B 67 -26.96 -30.56 19.30
N TYR B 68 -28.07 -29.92 19.67
CA TYR B 68 -28.09 -28.85 20.68
C TYR B 68 -29.44 -28.90 21.38
N THR B 69 -29.45 -29.00 22.71
CA THR B 69 -30.67 -29.20 23.46
C THR B 69 -31.72 -28.14 23.18
N GLY B 70 -32.90 -28.59 22.82
CA GLY B 70 -34.06 -27.70 22.64
C GLY B 70 -34.28 -27.27 21.19
N ASP B 71 -33.27 -27.53 20.35
CA ASP B 71 -33.30 -27.12 18.94
C ASP B 71 -34.21 -27.98 18.07
N MET B 72 -34.74 -27.35 17.05
CA MET B 72 -35.45 -28.08 16.00
C MET B 72 -35.17 -27.32 14.70
N THR B 73 -35.03 -28.03 13.58
CA THR B 73 -34.61 -27.41 12.33
C THR B 73 -35.60 -27.77 11.28
N GLY B 74 -36.25 -26.75 10.74
CA GLY B 74 -37.22 -26.92 9.72
C GLY B 74 -36.81 -26.29 8.40
N PRO B 75 -37.47 -26.70 7.35
CA PRO B 75 -37.31 -26.17 6.02
C PRO B 75 -38.06 -24.85 5.83
N ARG B 76 -37.70 -24.03 4.81
CA ARG B 76 -38.52 -22.88 4.43
C ARG B 76 -40.02 -23.23 4.41
N SER B 77 -40.35 -24.40 3.86
CA SER B 77 -41.71 -24.90 3.82
C SER B 77 -41.70 -26.41 3.78
N CYS B 78 -42.67 -27.03 4.48
CA CYS B 78 -42.85 -28.49 4.44
C CYS B 78 -43.44 -28.96 3.13
N GLU B 79 -43.84 -28.06 2.26
CA GLU B 79 -44.43 -28.48 0.97
C GLU B 79 -43.51 -29.13 -0.08
N HIS B 80 -42.20 -29.03 0.14
CA HIS B 80 -41.23 -29.49 -0.80
C HIS B 80 -41.01 -30.97 -0.44
N ASN B 81 -41.93 -31.80 -0.89
CA ASN B 81 -41.95 -33.16 -0.48
C ASN B 81 -41.53 -34.19 -1.54
N CYS B 82 -41.05 -33.69 -2.66
CA CYS B 82 -40.46 -34.58 -3.70
C CYS B 82 -39.22 -35.26 -3.16
N SER B 83 -39.11 -36.57 -3.34
CA SER B 83 -37.93 -37.31 -2.83
C SER B 83 -37.19 -38.14 -3.86
N ASP B 84 -37.76 -38.25 -5.05
CA ASP B 84 -37.19 -39.04 -6.12
C ASP B 84 -36.05 -38.33 -6.84
N ALA B 85 -36.33 -37.55 -7.87
CA ALA B 85 -35.36 -36.64 -8.51
C ALA B 85 -36.20 -35.36 -8.62
N CYS B 86 -35.67 -34.26 -8.14
CA CYS B 86 -36.54 -33.12 -7.78
C CYS B 86 -35.84 -31.86 -8.17
N TRP B 87 -36.41 -31.17 -9.13
CA TRP B 87 -35.77 -29.95 -9.69
C TRP B 87 -36.23 -28.74 -8.93
N MET B 88 -35.34 -27.80 -8.70
CA MET B 88 -35.72 -26.58 -7.99
C MET B 88 -36.74 -25.81 -8.79
N ASP B 89 -36.65 -25.90 -10.11
CA ASP B 89 -37.55 -25.13 -10.96
C ASP B 89 -38.80 -25.91 -11.32
N GLY B 90 -39.03 -27.05 -10.68
CA GLY B 90 -40.12 -27.90 -11.05
C GLY B 90 -39.71 -28.59 -12.36
N ASN B 91 -40.28 -29.75 -12.58
CA ASN B 91 -39.91 -30.59 -13.75
C ASN B 91 -40.62 -31.87 -13.56
N ASN B 92 -41.79 -31.99 -14.14
CA ASN B 92 -42.49 -33.24 -14.13
C ASN B 92 -41.75 -34.37 -14.89
N PRO B 93 -41.91 -35.63 -14.45
CA PRO B 93 -41.36 -36.76 -15.19
C PRO B 93 -41.94 -36.77 -16.55
N LEU B 94 -41.21 -37.25 -17.54
CA LEU B 94 -41.78 -37.59 -18.85
C LEU B 94 -42.69 -38.76 -18.74
N ALA B 95 -42.45 -39.65 -17.76
CA ALA B 95 -43.32 -40.83 -17.64
C ALA B 95 -43.11 -41.46 -16.28
N VAL B 96 -44.15 -42.12 -15.78
CA VAL B 96 -44.16 -42.83 -14.51
C VAL B 96 -44.90 -44.09 -14.76
N TRP B 97 -44.24 -45.23 -14.57
CA TRP B 97 -44.85 -46.51 -14.87
C TRP B 97 -44.61 -47.51 -13.77
N ASP B 98 -45.55 -48.40 -13.60
CA ASP B 98 -45.38 -49.48 -12.68
C ASP B 98 -44.52 -50.56 -13.40
N TYR B 99 -43.27 -50.77 -12.97
CA TYR B 99 -42.37 -51.79 -13.57
C TYR B 99 -42.14 -53.04 -12.69
N SER B 100 -43.19 -53.41 -11.96
CA SER B 100 -43.19 -54.59 -11.12
C SER B 100 -42.76 -55.76 -11.91
N GLY B 101 -41.78 -56.45 -11.35
CA GLY B 101 -41.30 -57.67 -11.97
C GLY B 101 -40.26 -57.39 -13.07
N GLN B 102 -39.76 -56.17 -13.17
CA GLN B 102 -38.84 -55.78 -14.24
C GLN B 102 -37.53 -55.39 -13.59
N PRO B 103 -36.40 -55.70 -14.23
CA PRO B 103 -35.16 -55.14 -13.78
C PRO B 103 -34.97 -53.66 -14.11
N PRO B 104 -34.04 -53.00 -13.43
CA PRO B 104 -33.83 -51.59 -13.65
C PRO B 104 -33.31 -51.35 -15.09
N ALA B 105 -32.65 -52.35 -15.65
CA ALA B 105 -32.16 -52.23 -17.02
C ALA B 105 -33.26 -51.94 -18.04
N LEU B 106 -34.45 -52.46 -17.82
CA LEU B 106 -35.55 -52.18 -18.71
C LEU B 106 -36.04 -50.75 -18.52
N CYS B 107 -35.79 -50.12 -17.35
CA CYS B 107 -36.07 -48.66 -17.21
C CYS B 107 -35.03 -47.87 -17.90
N TRP B 108 -33.79 -48.33 -17.85
CA TRP B 108 -32.73 -47.76 -18.67
C TRP B 108 -33.15 -47.78 -20.13
N ALA B 109 -33.70 -48.92 -20.57
CA ALA B 109 -34.14 -49.15 -21.95
C ALA B 109 -35.21 -48.15 -22.31
N ALA B 110 -36.20 -47.99 -21.42
CA ALA B 110 -37.24 -47.00 -21.62
C ALA B 110 -36.66 -45.61 -21.83
N CYS B 111 -35.70 -45.22 -21.02
CA CYS B 111 -35.09 -43.91 -21.18
C CYS B 111 -34.36 -43.78 -22.55
N MET B 112 -33.61 -44.81 -22.91
CA MET B 112 -32.93 -44.84 -24.18
C MET B 112 -33.94 -44.69 -25.29
N GLY B 113 -35.10 -45.33 -25.19
CA GLY B 113 -36.04 -45.27 -26.26
C GLY B 113 -37.02 -44.09 -26.24
N THR B 114 -36.84 -43.17 -25.31
CA THR B 114 -37.78 -42.03 -25.11
C THR B 114 -37.07 -40.76 -25.46
N PRO B 115 -37.43 -40.15 -26.59
CA PRO B 115 -36.78 -38.89 -26.96
C PRO B 115 -36.80 -37.87 -25.84
N GLY B 116 -35.63 -37.33 -25.53
CA GLY B 116 -35.48 -36.29 -24.52
C GLY B 116 -35.16 -36.79 -23.11
N CYS B 117 -35.21 -38.11 -22.89
CA CYS B 117 -34.97 -38.70 -21.55
C CYS B 117 -33.52 -38.65 -21.29
N ASP B 118 -33.11 -37.96 -20.23
CA ASP B 118 -31.73 -37.85 -19.86
C ASP B 118 -31.38 -38.67 -18.63
N LEU B 119 -32.38 -39.03 -17.83
CA LEU B 119 -32.13 -39.79 -16.62
C LEU B 119 -33.36 -40.45 -16.18
N TYR B 120 -33.20 -41.48 -15.36
CA TYR B 120 -34.35 -42.19 -14.84
C TYR B 120 -34.11 -42.52 -13.30
N THR B 121 -35.16 -42.87 -12.58
CA THR B 121 -35.02 -43.47 -11.27
C THR B 121 -35.85 -44.65 -11.30
N PHE B 122 -35.56 -45.61 -10.41
CA PHE B 122 -36.27 -46.87 -10.36
C PHE B 122 -36.51 -47.33 -8.88
N GLN B 123 -37.37 -46.63 -8.20
CA GLN B 123 -37.65 -46.88 -6.77
C GLN B 123 -38.90 -47.61 -6.69
N GLY B 124 -38.89 -48.73 -5.98
CA GLY B 124 -40.13 -49.42 -5.66
C GLY B 124 -40.62 -50.09 -6.90
N MET B 125 -39.70 -50.46 -7.78
CA MET B 125 -40.03 -50.97 -9.10
C MET B 125 -40.91 -49.97 -9.91
N THR B 126 -40.77 -48.67 -9.63
CA THR B 126 -41.47 -47.62 -10.41
C THR B 126 -40.41 -46.97 -11.26
N CYS B 127 -40.61 -47.08 -12.57
CA CYS B 127 -39.73 -46.42 -13.57
C CYS B 127 -40.25 -45.01 -13.89
N LYS B 128 -39.43 -44.01 -13.63
CA LYS B 128 -39.71 -42.64 -13.89
C LYS B 128 -38.62 -42.05 -14.80
N LEU B 129 -39.05 -41.48 -15.93
CA LEU B 129 -38.14 -40.83 -16.85
C LEU B 129 -38.20 -39.32 -16.71
N TYR B 130 -37.05 -38.67 -16.88
CA TYR B 130 -36.94 -37.24 -16.78
C TYR B 130 -36.10 -36.72 -17.91
N SER B 131 -36.51 -35.57 -18.38
CA SER B 131 -35.68 -34.72 -19.24
C SER B 131 -35.02 -33.60 -18.44
N GLN B 132 -33.77 -33.27 -18.72
CA GLN B 132 -33.22 -31.99 -18.20
C GLN B 132 -34.01 -30.75 -18.65
N THR B 133 -34.06 -29.75 -17.76
CA THR B 133 -34.73 -28.47 -18.02
C THR B 133 -33.78 -27.64 -18.86
N SER B 134 -34.31 -26.74 -19.69
CA SER B 134 -33.50 -26.16 -20.81
C SER B 134 -34.36 -25.20 -21.60
N GLN C 4 15.83 -25.82 -9.70
CA GLN C 4 14.43 -25.84 -9.17
C GLN C 4 13.86 -24.39 -9.07
N LEU C 5 12.66 -24.13 -9.60
CA LEU C 5 12.02 -22.79 -9.47
C LEU C 5 10.83 -22.88 -8.56
N ASP C 6 10.67 -21.88 -7.67
CA ASP C 6 9.48 -21.78 -6.80
C ASP C 6 8.19 -21.48 -7.61
N VAL C 7 7.23 -22.42 -7.56
CA VAL C 7 5.89 -22.26 -8.08
C VAL C 7 4.83 -22.43 -6.98
N SER C 8 5.23 -22.24 -5.73
CA SER C 8 4.29 -22.39 -4.59
C SER C 8 3.36 -21.21 -4.37
N CYS C 9 3.66 -20.07 -4.96
CA CYS C 9 2.92 -18.84 -4.62
C CYS C 9 1.56 -18.75 -5.31
N PHE C 10 1.26 -19.64 -6.24
CA PHE C 10 -0.05 -19.56 -6.91
C PHE C 10 -0.69 -20.92 -6.90
N ALA C 11 -2.00 -20.92 -7.01
CA ALA C 11 -2.79 -22.16 -7.09
C ALA C 11 -2.59 -22.92 -8.40
N HIS C 12 -2.41 -24.24 -8.32
CA HIS C 12 -2.27 -25.17 -9.45
C HIS C 12 -3.58 -25.83 -9.86
N ASP C 13 -4.58 -25.79 -8.98
CA ASP C 13 -5.82 -26.58 -9.15
C ASP C 13 -7.11 -25.81 -9.03
N LYS C 14 -7.10 -24.53 -9.37
CA LYS C 14 -8.32 -23.74 -9.36
C LYS C 14 -8.71 -23.19 -10.72
N ASN C 15 -8.21 -23.75 -11.81
CA ASN C 15 -8.69 -23.38 -13.16
C ASN C 15 -8.60 -21.86 -13.41
N ILE C 16 -7.53 -21.25 -12.92
CA ILE C 16 -7.28 -19.82 -13.12
C ILE C 16 -6.40 -19.58 -14.36
N GLY C 17 -7.00 -18.99 -15.38
CA GLY C 17 -6.32 -18.61 -16.62
C GLY C 17 -6.17 -17.10 -16.69
N SER C 18 -5.33 -16.65 -17.63
CA SER C 18 -5.24 -15.23 -17.99
C SER C 18 -5.49 -15.07 -19.48
N ARG C 19 -6.32 -14.09 -19.85
CA ARG C 19 -6.63 -13.84 -21.28
C ARG C 19 -5.69 -12.87 -21.91
N THR C 20 -4.73 -12.35 -21.14
CA THR C 20 -3.80 -11.37 -21.68
C THR C 20 -3.24 -11.90 -23.02
N GLU C 21 -3.02 -11.01 -23.99
CA GLU C 21 -2.52 -11.44 -25.29
C GLU C 21 -1.14 -12.09 -25.07
N GLN C 22 -0.86 -13.10 -25.85
CA GLN C 22 0.34 -13.77 -25.62
C GLN C 22 1.54 -13.18 -26.33
N LEU C 23 2.67 -13.40 -25.69
CA LEU C 23 3.98 -13.11 -26.19
C LEU C 23 4.65 -14.32 -26.88
N SER C 24 4.32 -15.51 -26.37
CA SER C 24 4.83 -16.78 -26.90
C SER C 24 3.96 -17.92 -26.42
N VAL C 25 4.00 -19.00 -27.18
CA VAL C 25 3.33 -20.27 -26.81
C VAL C 25 4.24 -21.42 -27.15
N VAL C 26 4.44 -22.27 -26.14
CA VAL C 26 5.14 -23.55 -26.23
C VAL C 26 4.33 -24.60 -25.47
N HIS C 27 4.69 -25.87 -25.64
CA HIS C 27 4.18 -26.93 -24.78
C HIS C 27 5.35 -27.33 -23.86
N VAL C 28 5.08 -27.54 -22.56
CA VAL C 28 6.08 -27.98 -21.56
C VAL C 28 5.47 -28.99 -20.58
N ALA C 29 6.32 -29.73 -19.87
CA ALA C 29 5.87 -30.80 -18.98
C ALA C 29 5.37 -30.35 -17.60
N SER C 30 5.67 -29.10 -17.18
CA SER C 30 5.34 -28.63 -15.81
C SER C 30 5.29 -27.09 -15.70
N ALA C 31 4.60 -26.64 -14.64
CA ALA C 31 4.44 -25.25 -14.31
C ALA C 31 5.76 -24.65 -14.18
N GLN C 32 6.66 -25.37 -13.56
CA GLN C 32 8.00 -24.87 -13.36
C GLN C 32 8.78 -24.59 -14.69
N ASP C 33 8.66 -25.47 -15.66
CA ASP C 33 9.20 -25.25 -16.98
C ASP C 33 8.55 -24.04 -17.67
N CYS C 34 7.26 -23.88 -17.49
CA CYS C 34 6.57 -22.71 -18.05
C CYS C 34 7.13 -21.44 -17.42
N MET C 35 7.39 -21.45 -16.09
CA MET C 35 8.02 -20.27 -15.48
C MET C 35 9.38 -20.02 -16.03
N LYS C 36 10.13 -21.10 -16.24
CA LYS C 36 11.45 -21.01 -16.85
C LYS C 36 11.36 -20.37 -18.28
N GLU C 37 10.35 -20.76 -19.05
CA GLU C 37 10.17 -20.11 -20.41
C GLU C 37 9.84 -18.60 -20.27
N CYS C 38 9.09 -18.25 -19.23
CA CYS C 38 8.79 -16.84 -18.97
C CYS C 38 10.05 -16.03 -18.64
N GLN C 39 10.87 -16.56 -17.73
CA GLN C 39 12.07 -15.87 -17.31
C GLN C 39 13.08 -15.76 -18.42
N ALA C 40 13.00 -16.58 -19.43
CA ALA C 40 13.92 -16.42 -20.60
C ALA C 40 13.48 -15.31 -21.57
N LEU C 41 12.27 -14.76 -21.41
CA LEU C 41 11.78 -13.64 -22.21
C LEU C 41 11.77 -12.36 -21.40
N PRO C 42 12.60 -11.36 -21.80
CA PRO C 42 12.68 -10.12 -21.01
C PRO C 42 11.35 -9.48 -20.66
N THR C 43 10.30 -9.56 -21.50
CA THR C 43 9.06 -8.82 -21.23
C THR C 43 7.95 -9.75 -20.75
N CYS C 44 8.23 -11.01 -20.44
CA CYS C 44 7.20 -11.87 -19.86
C CYS C 44 6.93 -11.49 -18.38
N SER C 45 5.71 -11.07 -18.10
CA SER C 45 5.30 -10.75 -16.73
C SER C 45 4.61 -11.92 -16.02
N HIS C 46 3.99 -12.78 -16.79
CA HIS C 46 3.25 -13.90 -16.21
C HIS C 46 2.93 -14.93 -17.29
N PHE C 47 2.45 -16.07 -16.84
CA PHE C 47 2.13 -17.18 -17.72
C PHE C 47 0.91 -17.89 -17.28
N THR C 48 0.24 -18.52 -18.22
CA THR C 48 -0.78 -19.52 -17.97
C THR C 48 -0.35 -20.89 -18.54
N TYR C 49 -0.31 -21.84 -17.62
CA TYR C 49 0.04 -23.22 -17.97
C TYR C 49 -1.19 -24.08 -17.82
N ASN C 50 -1.45 -24.93 -18.80
CA ASN C 50 -2.59 -25.86 -18.68
C ASN C 50 -2.13 -27.29 -18.44
N LYS C 51 -2.57 -27.90 -17.35
CA LYS C 51 -2.06 -29.18 -16.99
C LYS C 51 -2.58 -30.27 -17.95
N ASN C 52 -3.64 -30.05 -18.70
CA ASN C 52 -4.19 -31.11 -19.58
C ASN C 52 -3.68 -30.98 -21.00
N SER C 53 -3.71 -29.79 -21.55
CA SER C 53 -3.14 -29.59 -22.88
C SER C 53 -1.59 -29.50 -22.86
N LYS C 54 -1.00 -29.26 -21.68
CA LYS C 54 0.42 -28.95 -21.55
C LYS C 54 0.88 -27.64 -22.25
N LYS C 55 -0.07 -26.80 -22.67
CA LYS C 55 0.25 -25.51 -23.26
C LYS C 55 0.68 -24.52 -22.20
N CYS C 56 1.73 -23.79 -22.53
CA CYS C 56 2.34 -22.72 -21.75
C CYS C 56 2.25 -21.42 -22.55
N HIS C 57 1.43 -20.50 -22.09
CA HIS C 57 1.25 -19.22 -22.72
C HIS C 57 1.99 -18.16 -21.93
N LEU C 58 3.02 -17.56 -22.53
CA LEU C 58 3.78 -16.55 -21.84
C LEU C 58 3.14 -15.21 -22.22
N LYS C 59 3.10 -14.24 -21.31
CA LYS C 59 2.28 -13.03 -21.52
C LYS C 59 3.12 -11.82 -21.02
N ALA C 60 3.02 -10.67 -21.69
CA ALA C 60 3.71 -9.39 -21.32
C ALA C 60 2.78 -8.46 -20.52
N GLY C 61 1.51 -8.38 -20.91
CA GLY C 61 0.60 -7.38 -20.32
C GLY C 61 0.17 -7.81 -18.90
N ALA C 62 -0.69 -7.00 -18.28
CA ALA C 62 -1.25 -7.22 -16.93
C ALA C 62 -2.13 -8.43 -17.05
N PRO C 63 -2.10 -9.32 -16.04
CA PRO C 63 -3.05 -10.44 -16.02
C PRO C 63 -4.53 -10.01 -16.17
N GLU C 64 -5.32 -10.81 -16.89
CA GLU C 64 -6.78 -10.68 -17.06
C GLU C 64 -7.40 -12.03 -16.68
N PHE C 65 -7.77 -12.19 -15.42
CA PHE C 65 -8.10 -13.50 -14.89
C PHE C 65 -9.45 -13.96 -15.34
N TYR C 66 -9.57 -15.27 -15.55
CA TYR C 66 -10.82 -15.92 -15.95
C TYR C 66 -10.67 -17.41 -15.59
N THR C 67 -11.74 -18.17 -15.84
CA THR C 67 -11.82 -19.57 -15.38
C THR C 67 -11.76 -20.47 -16.60
N TYR C 68 -10.87 -21.45 -16.56
CA TYR C 68 -10.71 -22.34 -17.67
C TYR C 68 -10.11 -23.60 -17.12
N THR C 69 -10.74 -24.74 -17.45
CA THR C 69 -10.40 -26.03 -16.83
C THR C 69 -8.96 -26.42 -17.07
N GLY C 70 -8.27 -26.75 -16.00
CA GLY C 70 -6.89 -27.15 -16.06
C GLY C 70 -5.83 -26.02 -16.02
N ASP C 71 -6.26 -24.78 -16.12
CA ASP C 71 -5.34 -23.62 -16.13
C ASP C 71 -4.75 -23.33 -14.76
N MET C 72 -3.51 -22.81 -14.78
CA MET C 72 -2.91 -22.13 -13.63
C MET C 72 -2.07 -20.94 -14.17
N THR C 73 -2.06 -19.86 -13.39
CA THR C 73 -1.43 -18.64 -13.79
C THR C 73 -0.42 -18.22 -12.76
N GLY C 74 0.83 -18.16 -13.19
CA GLY C 74 1.89 -17.84 -12.27
C GLY C 74 2.62 -16.58 -12.70
N PRO C 75 3.24 -15.91 -11.75
CA PRO C 75 4.05 -14.74 -12.05
C PRO C 75 5.36 -15.12 -12.73
N ARG C 76 6.04 -14.16 -13.34
CA ARG C 76 7.42 -14.32 -13.82
C ARG C 76 8.32 -14.98 -12.75
N SER C 77 8.14 -14.60 -11.49
CA SER C 77 8.85 -15.22 -10.39
C SER C 77 8.01 -15.05 -9.12
N CYS C 78 8.01 -16.06 -8.25
CA CYS C 78 7.34 -15.95 -6.94
C CYS C 78 8.15 -15.14 -5.91
N GLU C 79 9.35 -14.69 -6.27
CA GLU C 79 10.11 -13.87 -5.37
C GLU C 79 9.52 -12.48 -5.04
N HIS C 80 8.54 -12.01 -5.82
CA HIS C 80 8.01 -10.65 -5.67
C HIS C 80 6.87 -10.71 -4.65
N ASN C 81 7.22 -10.48 -3.40
CA ASN C 81 6.30 -10.64 -2.27
C ASN C 81 5.93 -9.32 -1.56
N CYS C 82 6.39 -8.21 -2.07
CA CYS C 82 6.04 -6.89 -1.50
C CYS C 82 4.56 -6.63 -1.75
N SER C 83 3.85 -6.05 -0.75
CA SER C 83 2.45 -5.66 -0.93
C SER C 83 1.99 -4.19 -0.58
N ASP C 84 2.72 -3.49 0.30
CA ASP C 84 2.25 -2.17 0.78
C ASP C 84 2.42 -1.05 -0.23
N ALA C 85 3.63 -0.84 -0.68
CA ALA C 85 3.90 0.13 -1.72
C ALA C 85 5.21 -0.37 -2.38
N CYS C 86 5.14 -0.79 -3.63
CA CYS C 86 6.19 -1.67 -4.15
C CYS C 86 6.61 -1.13 -5.47
N TRP C 87 7.81 -0.54 -5.51
CA TRP C 87 8.37 0.06 -6.72
C TRP C 87 9.06 -0.97 -7.58
N MET C 88 8.86 -0.86 -8.87
CA MET C 88 9.44 -1.82 -9.79
C MET C 88 10.95 -1.71 -9.76
N ASP C 89 11.45 -0.48 -9.59
CA ASP C 89 12.91 -0.27 -9.50
C ASP C 89 13.46 -0.45 -8.11
N GLY C 90 12.62 -0.74 -7.14
CA GLY C 90 13.10 -0.85 -5.77
C GLY C 90 13.13 0.55 -5.12
N ASN C 91 12.95 0.57 -3.82
CA ASN C 91 12.77 1.78 -3.06
C ASN C 91 12.54 1.35 -1.63
N ASN C 92 13.59 1.42 -0.82
CA ASN C 92 13.52 1.14 0.61
C ASN C 92 12.74 2.21 1.36
N PRO C 93 11.93 1.80 2.34
CA PRO C 93 11.27 2.79 3.17
C PRO C 93 12.30 3.69 3.82
N LEU C 94 11.92 4.95 4.03
CA LEU C 94 12.65 5.84 4.90
C LEU C 94 12.53 5.41 6.35
N ALA C 95 11.42 4.76 6.69
CA ALA C 95 11.19 4.37 8.06
C ALA C 95 10.14 3.26 8.08
N VAL C 96 10.27 2.38 9.06
CA VAL C 96 9.33 1.32 9.28
C VAL C 96 9.16 1.24 10.81
N TRP C 97 7.96 1.43 11.31
CA TRP C 97 7.73 1.45 12.74
C TRP C 97 6.50 0.64 13.04
N ASP C 98 6.50 0.01 14.20
CA ASP C 98 5.30 -0.59 14.76
C ASP C 98 4.42 0.49 15.39
N TYR C 99 3.26 0.73 14.81
CA TYR C 99 2.33 1.72 15.35
C TYR C 99 1.02 1.08 15.87
N SER C 100 1.11 -0.13 16.44
CA SER C 100 -0.03 -0.75 17.13
C SER C 100 -0.72 0.17 18.08
N GLY C 101 -2.04 0.25 17.96
CA GLY C 101 -2.82 1.07 18.88
C GLY C 101 -2.82 2.53 18.47
N GLN C 102 -2.32 2.84 17.25
CA GLN C 102 -2.31 4.21 16.77
C GLN C 102 -3.17 4.37 15.56
N PRO C 103 -3.79 5.53 15.44
CA PRO C 103 -4.49 5.78 14.21
C PRO C 103 -3.58 5.97 13.00
N PRO C 104 -4.11 5.71 11.83
CA PRO C 104 -3.30 6.02 10.68
C PRO C 104 -2.96 7.53 10.54
N ALA C 105 -3.80 8.39 11.10
CA ALA C 105 -3.50 9.85 11.07
C ALA C 105 -2.12 10.19 11.74
N LEU C 106 -1.64 9.34 12.66
CA LEU C 106 -0.30 9.53 13.29
C LEU C 106 0.83 9.08 12.42
N CYS C 107 0.54 8.21 11.45
CA CYS C 107 1.49 7.87 10.46
C CYS C 107 1.53 8.95 9.45
N TRP C 108 0.39 9.52 9.12
CA TRP C 108 0.36 10.75 8.29
C TRP C 108 1.23 11.87 8.93
N ALA C 109 1.10 12.04 10.23
CA ALA C 109 1.86 12.99 10.99
C ALA C 109 3.33 12.69 10.87
N ALA C 110 3.70 11.43 11.01
CA ALA C 110 5.11 11.05 10.83
C ALA C 110 5.64 11.45 9.47
N CYS C 111 4.87 11.19 8.43
CA CYS C 111 5.28 11.59 7.07
C CYS C 111 5.44 13.11 6.96
N MET C 112 4.44 13.84 7.45
CA MET C 112 4.45 15.33 7.46
C MET C 112 5.73 15.80 8.11
N GLY C 113 6.11 15.16 9.22
CA GLY C 113 7.27 15.57 9.96
C GLY C 113 8.59 15.02 9.51
N THR C 114 8.65 14.28 8.40
CA THR C 114 9.89 13.64 7.96
C THR C 114 10.21 14.24 6.61
N PRO C 115 11.34 14.98 6.53
CA PRO C 115 11.76 15.57 5.26
C PRO C 115 11.97 14.50 4.24
N GLY C 116 11.49 14.74 3.05
CA GLY C 116 11.61 13.75 1.98
C GLY C 116 10.40 12.81 1.91
N CYS C 117 9.55 12.74 2.94
CA CYS C 117 8.47 11.77 2.86
C CYS C 117 7.40 12.26 1.95
N ASP C 118 7.10 11.49 0.90
CA ASP C 118 6.02 11.82 -0.04
C ASP C 118 4.77 10.99 0.14
N LEU C 119 4.91 9.81 0.74
CA LEU C 119 3.75 8.97 1.00
C LEU C 119 4.02 8.00 2.12
N TYR C 120 2.94 7.47 2.69
CA TYR C 120 3.06 6.42 3.72
C TYR C 120 2.15 5.27 3.38
N THR C 121 2.41 4.15 4.04
CA THR C 121 1.44 3.07 4.15
C THR C 121 1.22 2.71 5.59
N PHE C 122 0.09 2.09 5.87
CA PHE C 122 -0.26 1.74 7.21
C PHE C 122 -1.00 0.36 7.22
N GLN C 123 -0.41 -0.63 6.59
CA GLN C 123 -0.94 -2.01 6.56
C GLN C 123 -0.61 -2.68 7.89
N GLY C 124 -1.63 -3.21 8.56
CA GLY C 124 -1.46 -3.93 9.84
C GLY C 124 -0.79 -3.15 10.96
N MET C 125 -1.13 -1.88 11.02
CA MET C 125 -0.61 -0.95 12.01
C MET C 125 0.91 -0.75 11.98
N THR C 126 1.53 -1.07 10.85
CA THR C 126 2.91 -0.71 10.62
C THR C 126 2.91 0.54 9.74
N CYS C 127 3.49 1.58 10.33
CA CYS C 127 3.74 2.85 9.64
C CYS C 127 5.01 2.77 8.83
N LYS C 128 4.92 2.87 7.53
CA LYS C 128 6.07 2.95 6.70
C LYS C 128 6.03 4.27 5.89
N LEU C 129 7.16 4.96 5.86
CA LEU C 129 7.33 6.21 5.11
C LEU C 129 8.16 6.04 3.85
N TYR C 130 7.80 6.72 2.75
CA TYR C 130 8.57 6.64 1.55
C TYR C 130 8.75 7.96 0.87
N SER C 131 9.87 8.04 0.22
CA SER C 131 10.19 9.11 -0.64
C SER C 131 10.04 8.61 -2.07
N GLN C 132 9.49 9.41 -2.95
CA GLN C 132 9.47 9.06 -4.40
C GLN C 132 10.92 8.87 -4.95
N THR C 133 11.11 8.00 -5.95
CA THR C 133 12.46 7.75 -6.47
C THR C 133 12.78 8.85 -7.50
N SER C 134 14.08 9.13 -7.67
CA SER C 134 14.60 10.42 -8.25
C SER C 134 14.22 10.64 -9.71
N LEU D 5 -13.85 19.60 17.23
CA LEU D 5 -12.95 18.75 16.36
C LEU D 5 -12.90 17.31 16.88
N ASP D 6 -12.95 16.38 15.94
CA ASP D 6 -12.94 14.96 16.25
C ASP D 6 -11.56 14.50 16.80
N VAL D 7 -11.60 13.97 18.00
CA VAL D 7 -10.49 13.51 18.75
C VAL D 7 -10.66 12.04 19.18
N SER D 8 -11.46 11.30 18.43
CA SER D 8 -11.74 9.91 18.80
C SER D 8 -10.81 8.94 18.12
N CYS D 9 -10.03 9.34 17.11
CA CYS D 9 -9.16 8.39 16.42
C CYS D 9 -8.01 7.94 17.29
N PHE D 10 -7.80 8.56 18.44
CA PHE D 10 -6.68 8.13 19.28
C PHE D 10 -7.19 7.86 20.67
N ALA D 11 -6.48 6.99 21.37
CA ALA D 11 -6.70 6.64 22.77
C ALA D 11 -6.48 7.82 23.72
N HIS D 12 -7.45 8.08 24.61
CA HIS D 12 -7.30 9.15 25.62
C HIS D 12 -6.77 8.59 26.92
N ASP D 13 -6.91 7.29 27.11
CA ASP D 13 -6.72 6.74 28.45
C ASP D 13 -5.54 5.77 28.58
N LYS D 14 -4.59 5.79 27.65
CA LYS D 14 -3.48 4.79 27.66
C LYS D 14 -2.12 5.32 27.97
N ASN D 15 -2.03 6.56 28.43
CA ASN D 15 -0.76 7.11 28.83
C ASN D 15 0.27 7.17 27.68
N ILE D 16 -0.18 7.51 26.49
CA ILE D 16 0.70 7.56 25.32
C ILE D 16 1.14 9.00 25.12
N GLY D 17 2.42 9.23 25.35
CA GLY D 17 3.04 10.50 25.01
C GLY D 17 3.97 10.35 23.78
N SER D 18 4.53 11.48 23.37
CA SER D 18 5.53 11.50 22.33
C SER D 18 6.66 12.37 22.84
N ARG D 19 7.89 11.93 22.68
CA ARG D 19 9.09 12.70 23.10
C ARG D 19 9.48 13.78 22.10
N THR D 20 8.86 13.84 20.93
CA THR D 20 9.34 14.74 19.92
C THR D 20 9.43 16.14 20.44
N GLU D 21 10.52 16.79 20.09
CA GLU D 21 10.82 18.13 20.51
C GLU D 21 9.67 19.05 20.13
N GLN D 22 9.27 19.89 21.06
CA GLN D 22 8.07 20.69 20.85
C GLN D 22 8.34 22.03 20.21
N LEU D 23 7.36 22.50 19.44
CA LEU D 23 7.29 23.81 18.93
C LEU D 23 6.96 24.79 20.07
N SER D 24 6.10 24.35 20.98
CA SER D 24 5.59 25.16 22.05
C SER D 24 4.67 24.36 22.94
N VAL D 25 4.40 24.90 24.15
CA VAL D 25 3.51 24.27 25.14
C VAL D 25 2.55 25.35 25.58
N VAL D 26 1.27 25.03 25.68
CA VAL D 26 0.23 25.94 26.14
C VAL D 26 -0.74 25.13 27.00
N HIS D 27 -1.57 25.79 27.79
CA HIS D 27 -2.49 25.06 28.68
C HIS D 27 -3.87 25.11 28.12
N VAL D 28 -4.58 24.00 28.12
CA VAL D 28 -5.92 23.98 27.56
C VAL D 28 -6.74 23.01 28.39
N ALA D 29 -8.06 23.00 28.18
CA ALA D 29 -8.95 22.23 29.03
C ALA D 29 -9.16 20.86 28.51
N SER D 30 -8.92 20.64 27.20
CA SER D 30 -9.32 19.38 26.52
C SER D 30 -8.41 19.02 25.31
N ALA D 31 -8.43 17.75 24.92
CA ALA D 31 -7.68 17.23 23.75
C ALA D 31 -8.07 17.98 22.51
N GLN D 32 -9.39 18.18 22.37
CA GLN D 32 -9.94 18.96 21.30
C GLN D 32 -9.32 20.37 21.25
N ASP D 33 -9.18 21.06 22.38
CA ASP D 33 -8.56 22.42 22.37
C ASP D 33 -7.07 22.31 21.98
N CYS D 34 -6.45 21.20 22.32
CA CYS D 34 -5.01 21.02 22.01
C CYS D 34 -4.81 20.84 20.53
N MET D 35 -5.69 20.06 19.94
CA MET D 35 -5.75 19.90 18.49
C MET D 35 -5.99 21.22 17.72
N LYS D 36 -6.91 22.02 18.17
CA LYS D 36 -7.07 23.36 17.67
C LYS D 36 -5.77 24.19 17.75
N GLU D 37 -5.05 24.09 18.85
CA GLU D 37 -3.80 24.80 18.96
C GLU D 37 -2.81 24.21 17.99
N CYS D 38 -2.84 22.88 17.77
CA CYS D 38 -1.96 22.30 16.79
C CYS D 38 -2.29 22.85 15.38
N GLN D 39 -3.55 22.89 15.03
CA GLN D 39 -3.94 23.36 13.68
C GLN D 39 -3.63 24.83 13.43
N ALA D 40 -3.39 25.61 14.48
CA ALA D 40 -3.03 27.03 14.28
C ALA D 40 -1.55 27.27 13.95
N LEU D 41 -0.74 26.22 14.05
CA LEU D 41 0.70 26.30 13.75
C LEU D 41 0.97 25.50 12.48
N PRO D 42 1.56 26.11 11.46
CA PRO D 42 1.62 25.41 10.18
C PRO D 42 2.41 24.10 10.16
N THR D 43 3.39 23.95 11.03
CA THR D 43 4.21 22.75 11.00
C THR D 43 3.88 21.78 12.17
N CYS D 44 2.82 22.02 12.95
CA CYS D 44 2.43 21.01 13.94
C CYS D 44 1.82 19.73 13.29
N SER D 45 2.52 18.62 13.42
CA SER D 45 2.10 17.32 12.87
C SER D 45 1.28 16.58 13.90
N HIS D 46 1.58 16.78 15.17
CA HIS D 46 0.96 16.04 16.26
C HIS D 46 1.18 16.75 17.59
N PHE D 47 0.40 16.31 18.57
CA PHE D 47 0.47 16.87 19.93
C PHE D 47 0.36 15.81 20.97
N THR D 48 0.91 16.11 22.13
CA THR D 48 0.59 15.31 23.33
C THR D 48 -0.11 16.22 24.32
N TYR D 49 -1.33 15.86 24.70
CA TYR D 49 -2.05 16.57 25.79
C TYR D 49 -2.07 15.76 27.12
N ASN D 50 -1.86 16.41 28.25
CA ASN D 50 -1.88 15.70 29.52
C ASN D 50 -3.08 16.14 30.38
N LYS D 51 -3.96 15.18 30.69
CA LYS D 51 -5.19 15.28 31.49
C LYS D 51 -4.97 15.96 32.83
N ASN D 52 -3.78 15.76 33.39
CA ASN D 52 -3.45 16.21 34.74
C ASN D 52 -2.72 17.56 34.81
N SER D 53 -1.66 17.71 34.02
CA SER D 53 -1.00 18.99 33.94
C SER D 53 -1.84 20.03 33.17
N LYS D 54 -2.78 19.59 32.36
CA LYS D 54 -3.49 20.42 31.38
C LYS D 54 -2.58 21.05 30.31
N LYS D 55 -1.40 20.45 30.11
CA LYS D 55 -0.44 20.98 29.14
C LYS D 55 -0.65 20.33 27.78
N CYS D 56 -0.57 21.17 26.77
CA CYS D 56 -0.69 20.79 25.38
C CYS D 56 0.63 21.09 24.66
N HIS D 57 1.30 20.03 24.23
CA HIS D 57 2.64 20.11 23.72
C HIS D 57 2.57 19.91 22.22
N LEU D 58 2.85 20.97 21.44
CA LEU D 58 2.71 20.92 19.98
C LEU D 58 4.07 20.55 19.34
N LYS D 59 4.01 19.61 18.41
CA LYS D 59 5.23 18.96 17.88
C LYS D 59 5.25 18.95 16.37
N ALA D 60 6.43 19.17 15.78
CA ALA D 60 6.58 19.20 14.36
C ALA D 60 7.08 17.84 13.78
N GLY D 61 8.04 17.25 14.42
CA GLY D 61 8.73 16.08 13.81
C GLY D 61 7.81 14.80 13.89
N ALA D 62 8.34 13.65 13.52
CA ALA D 62 7.65 12.40 13.57
C ALA D 62 7.39 12.08 15.05
N PRO D 63 6.29 11.40 15.38
CA PRO D 63 6.09 10.93 16.75
C PRO D 63 7.20 10.00 17.35
N GLU D 64 7.44 10.11 18.66
CA GLU D 64 8.38 9.25 19.37
C GLU D 64 7.68 8.76 20.57
N PHE D 65 6.96 7.67 20.40
CA PHE D 65 5.98 7.27 21.38
C PHE D 65 6.66 6.75 22.66
N TYR D 66 6.04 7.04 23.80
CA TYR D 66 6.51 6.53 25.13
C TYR D 66 5.34 6.57 26.11
N THR D 67 5.56 6.05 27.31
CA THR D 67 4.50 5.95 28.31
C THR D 67 4.69 7.03 29.35
N TYR D 68 3.63 7.78 29.64
CA TYR D 68 3.72 8.89 30.63
C TYR D 68 2.30 9.17 31.14
N THR D 69 2.18 9.18 32.48
CA THR D 69 0.89 9.11 33.12
C THR D 69 0.03 10.29 32.73
N GLY D 70 -1.16 10.03 32.22
CA GLY D 70 -2.11 11.11 31.83
C GLY D 70 -1.94 11.73 30.41
N ASP D 71 -0.91 11.32 29.68
CA ASP D 71 -0.68 11.74 28.30
C ASP D 71 -1.61 11.05 27.30
N MET D 72 -1.93 11.75 26.21
CA MET D 72 -2.57 11.21 25.03
C MET D 72 -1.98 11.96 23.84
N THR D 73 -1.82 11.28 22.71
CA THR D 73 -1.09 11.83 21.57
C THR D 73 -1.96 11.74 20.36
N GLY D 74 -2.31 12.88 19.82
CA GLY D 74 -3.11 12.91 18.66
C GLY D 74 -2.43 13.55 17.47
N PRO D 75 -3.02 13.36 16.29
CA PRO D 75 -2.53 13.89 15.06
C PRO D 75 -3.02 15.33 14.89
N ARG D 76 -2.43 16.05 13.94
CA ARG D 76 -2.87 17.41 13.58
C ARG D 76 -4.40 17.39 13.35
N SER D 77 -4.89 16.34 12.66
CA SER D 77 -6.32 16.08 12.47
C SER D 77 -6.57 14.59 12.33
N CYS D 78 -7.71 14.11 12.82
CA CYS D 78 -8.06 12.70 12.65
C CYS D 78 -8.50 12.32 11.25
N GLU D 79 -8.81 13.32 10.43
CA GLU D 79 -9.33 13.12 9.08
C GLU D 79 -8.36 12.50 8.13
N HIS D 80 -7.07 12.45 8.50
CA HIS D 80 -6.09 11.86 7.61
C HIS D 80 -6.13 10.35 7.91
N ASN D 81 -7.18 9.67 7.43
CA ASN D 81 -7.46 8.30 7.80
C ASN D 81 -7.20 7.26 6.68
N CYS D 82 -6.40 7.63 5.70
CA CYS D 82 -5.97 6.72 4.65
C CYS D 82 -4.95 5.77 5.26
N SER D 83 -5.03 4.50 4.87
CA SER D 83 -4.16 3.46 5.41
C SER D 83 -3.54 2.53 4.37
N ASP D 84 -3.83 2.70 3.10
CA ASP D 84 -3.25 1.78 2.10
C ASP D 84 -2.02 2.42 1.46
N ALA D 85 -2.12 3.14 0.35
CA ALA D 85 -0.92 3.91 -0.09
C ALA D 85 -1.37 5.36 -0.23
N CYS D 86 -0.72 6.27 0.50
CA CYS D 86 -1.32 7.55 0.91
C CYS D 86 -0.36 8.66 0.62
N TRP D 87 -0.54 9.31 -0.52
CA TRP D 87 0.40 10.35 -0.95
C TRP D 87 -0.04 11.61 -0.22
N MET D 88 0.93 12.36 0.27
CA MET D 88 0.65 13.56 1.04
C MET D 88 -0.06 14.59 0.13
N ASP D 89 0.28 14.62 -1.15
CA ASP D 89 -0.33 15.51 -2.11
C ASP D 89 -1.40 14.84 -2.96
N GLY D 90 -1.76 13.61 -2.68
CA GLY D 90 -2.81 12.94 -3.46
C GLY D 90 -2.22 12.34 -4.75
N ASN D 91 -2.88 11.30 -5.25
CA ASN D 91 -2.41 10.56 -6.41
C ASN D 91 -3.47 9.50 -6.77
N ASN D 92 -4.08 9.64 -7.92
CA ASN D 92 -5.12 8.69 -8.36
C ASN D 92 -4.40 7.54 -9.03
N PRO D 93 -4.91 6.33 -8.83
CA PRO D 93 -4.23 5.18 -9.39
C PRO D 93 -4.43 5.13 -10.90
N LEU D 94 -3.46 4.55 -11.59
CA LEU D 94 -3.58 4.19 -13.01
C LEU D 94 -4.62 3.14 -13.25
N ALA D 95 -4.75 2.18 -12.33
CA ALA D 95 -5.63 1.03 -12.47
C ALA D 95 -5.95 0.44 -11.09
N VAL D 96 -7.13 -0.14 -10.98
CA VAL D 96 -7.60 -0.75 -9.76
C VAL D 96 -8.26 -2.05 -10.19
N TRP D 97 -7.67 -3.17 -9.83
CA TRP D 97 -8.21 -4.47 -10.25
C TRP D 97 -8.45 -5.47 -9.15
N ASP D 98 -9.39 -6.35 -9.43
CA ASP D 98 -9.74 -7.38 -8.49
C ASP D 98 -8.84 -8.60 -8.66
N TYR D 99 -7.87 -8.75 -7.76
CA TYR D 99 -6.90 -9.82 -7.81
C TYR D 99 -7.13 -10.72 -6.59
N SER D 100 -8.41 -11.00 -6.32
CA SER D 100 -8.81 -11.83 -5.18
C SER D 100 -8.14 -13.18 -5.23
N GLY D 101 -7.48 -13.56 -4.15
CA GLY D 101 -6.86 -14.87 -4.09
C GLY D 101 -5.50 -15.02 -4.75
N GLN D 102 -4.94 -13.94 -5.33
CA GLN D 102 -3.67 -14.04 -6.08
C GLN D 102 -2.52 -13.66 -5.20
N PRO D 103 -1.35 -14.20 -5.47
CA PRO D 103 -0.19 -13.79 -4.75
C PRO D 103 0.17 -12.32 -5.12
N PRO D 104 0.86 -11.64 -4.24
CA PRO D 104 1.37 -10.28 -4.56
C PRO D 104 2.22 -10.21 -5.88
N ALA D 105 2.96 -11.25 -6.22
CA ALA D 105 3.78 -11.28 -7.45
C ALA D 105 2.96 -11.04 -8.72
N LEU D 106 1.66 -11.36 -8.73
CA LEU D 106 0.83 -11.14 -9.93
C LEU D 106 0.35 -9.73 -10.02
N CYS D 107 0.34 -9.03 -8.87
CA CYS D 107 0.14 -7.58 -8.91
C CYS D 107 1.46 -6.91 -9.42
N TRP D 108 2.57 -7.45 -8.96
CA TRP D 108 3.88 -7.05 -9.52
C TRP D 108 3.82 -7.22 -11.05
N ALA D 109 3.31 -8.34 -11.53
CA ALA D 109 3.22 -8.59 -12.95
C ALA D 109 2.34 -7.56 -13.64
N ALA D 110 1.23 -7.17 -12.99
CA ALA D 110 0.35 -6.20 -13.57
C ALA D 110 1.10 -4.86 -13.73
N CYS D 111 1.90 -4.47 -12.74
CA CYS D 111 2.65 -3.24 -12.81
C CYS D 111 3.71 -3.34 -13.96
N MET D 112 4.43 -4.44 -14.01
CA MET D 112 5.42 -4.65 -15.06
C MET D 112 4.73 -4.51 -16.40
N GLY D 113 3.50 -5.02 -16.50
CA GLY D 113 2.82 -5.12 -17.78
C GLY D 113 2.07 -3.85 -18.14
N THR D 114 2.13 -2.81 -17.30
CA THR D 114 1.32 -1.59 -17.52
C THR D 114 2.23 -0.39 -17.76
N PRO D 115 2.26 0.16 -19.02
CA PRO D 115 3.19 1.28 -19.33
C PRO D 115 2.86 2.46 -18.39
N GLY D 116 3.88 3.08 -17.83
CA GLY D 116 3.70 4.17 -16.85
C GLY D 116 3.57 3.68 -15.39
N CYS D 117 3.34 2.37 -15.15
CA CYS D 117 3.35 1.87 -13.75
C CYS D 117 4.71 1.91 -13.14
N ASP D 118 4.87 2.70 -12.07
CA ASP D 118 6.06 2.72 -11.28
C ASP D 118 6.02 1.88 -9.98
N LEU D 119 4.84 1.68 -9.41
CA LEU D 119 4.73 0.94 -8.17
C LEU D 119 3.33 0.47 -8.03
N TYR D 120 3.14 -0.52 -7.13
CA TYR D 120 1.84 -1.10 -6.88
C TYR D 120 1.62 -1.26 -5.37
N THR D 121 0.34 -1.38 -4.99
CA THR D 121 -0.06 -1.77 -3.68
C THR D 121 -1.06 -2.89 -3.86
N PHE D 122 -1.01 -3.85 -2.95
CA PHE D 122 -1.87 -5.01 -2.97
C PHE D 122 -2.16 -5.39 -1.49
N GLN D 123 -3.08 -4.68 -0.89
CA GLN D 123 -3.52 -4.97 0.49
C GLN D 123 -4.95 -5.42 0.21
N GLY D 124 -5.38 -6.50 0.85
CA GLY D 124 -6.70 -7.09 0.54
C GLY D 124 -6.77 -7.78 -0.82
N MET D 125 -7.92 -7.64 -1.49
CA MET D 125 -8.14 -8.19 -2.82
C MET D 125 -7.82 -7.23 -4.02
N THR D 126 -7.47 -5.99 -3.73
CA THR D 126 -7.32 -5.00 -4.76
C THR D 126 -5.83 -4.83 -5.16
N CYS D 127 -5.55 -5.01 -6.44
CA CYS D 127 -4.22 -4.68 -6.96
C CYS D 127 -4.35 -3.26 -7.53
N LYS D 128 -3.61 -2.31 -7.02
CA LYS D 128 -3.70 -0.96 -7.50
C LYS D 128 -2.32 -0.52 -7.98
N LEU D 129 -2.30 0.09 -9.15
CA LEU D 129 -1.13 0.53 -9.88
C LEU D 129 -1.06 2.06 -9.91
N TYR D 130 0.14 2.57 -9.75
CA TYR D 130 0.40 4.02 -9.65
C TYR D 130 1.63 4.41 -10.47
N SER D 131 1.54 5.56 -11.12
CA SER D 131 2.74 6.27 -11.52
C SER D 131 3.07 7.30 -10.45
N GLN D 132 4.35 7.53 -10.27
CA GLN D 132 4.78 8.59 -9.35
C GLN D 132 4.19 9.95 -9.74
N THR D 133 3.96 10.81 -8.74
CA THR D 133 3.45 12.17 -9.00
C THR D 133 4.58 13.04 -9.60
N SER D 134 4.20 13.96 -10.48
CA SER D 134 5.13 14.83 -11.21
C SER D 134 4.58 16.23 -11.31
N GLN E 4 49.84 16.25 -7.49
CA GLN E 4 48.39 16.02 -7.25
C GLN E 4 47.72 17.36 -6.86
N LEU E 5 46.50 17.58 -7.35
CA LEU E 5 45.71 18.74 -6.96
C LEU E 5 44.73 18.28 -5.88
N ASP E 6 44.64 19.05 -4.81
CA ASP E 6 43.69 18.80 -3.74
C ASP E 6 42.26 18.96 -4.21
N VAL E 7 41.47 17.92 -4.06
CA VAL E 7 40.04 17.92 -4.35
C VAL E 7 39.22 17.52 -3.15
N SER E 8 39.78 17.65 -1.95
CA SER E 8 39.05 17.24 -0.70
C SER E 8 38.13 18.33 -0.17
N CYS E 9 38.14 19.56 -0.70
CA CYS E 9 37.39 20.65 -0.03
C CYS E 9 35.98 20.63 -0.41
N PHE E 10 35.62 19.90 -1.48
CA PHE E 10 34.23 19.84 -1.82
C PHE E 10 33.74 18.40 -1.80
N ALA E 11 32.42 18.22 -1.62
CA ALA E 11 31.79 16.89 -1.61
C ALA E 11 31.77 16.26 -3.06
N HIS E 12 32.12 14.99 -3.12
CA HIS E 12 32.10 14.18 -4.33
C HIS E 12 30.81 13.41 -4.51
N ASP E 13 30.06 13.19 -3.42
CA ASP E 13 28.91 12.27 -3.47
C ASP E 13 27.57 12.87 -3.09
N LYS E 14 27.39 14.18 -3.22
CA LYS E 14 26.10 14.79 -2.87
C LYS E 14 25.34 15.35 -4.04
N ASN E 15 25.64 14.91 -5.26
CA ASN E 15 24.87 15.38 -6.40
C ASN E 15 24.77 16.92 -6.59
N ILE E 16 25.84 17.66 -6.26
CA ILE E 16 25.82 19.11 -6.35
C ILE E 16 26.38 19.52 -7.71
N GLY E 17 25.53 20.14 -8.51
CA GLY E 17 25.89 20.72 -9.81
C GLY E 17 25.87 22.23 -9.73
N SER E 18 26.38 22.89 -10.78
CA SER E 18 26.22 24.32 -10.95
C SER E 18 25.59 24.53 -12.29
N ARG E 19 24.63 25.40 -12.39
CA ARG E 19 23.99 25.69 -13.69
C ARG E 19 24.74 26.76 -14.45
N THR E 20 25.76 27.37 -13.87
CA THR E 20 26.41 28.50 -14.54
C THR E 20 26.86 28.15 -15.95
N GLU E 21 26.59 29.06 -16.86
CA GLU E 21 26.94 28.89 -18.29
C GLU E 21 28.37 28.45 -18.44
N GLN E 22 28.59 27.43 -19.26
CA GLN E 22 29.92 26.90 -19.38
C GLN E 22 30.80 27.56 -20.40
N LEU E 23 32.10 27.65 -20.09
CA LEU E 23 33.12 28.04 -21.10
C LEU E 23 33.36 26.88 -22.11
N SER E 24 33.35 25.65 -21.61
CA SER E 24 33.58 24.45 -22.42
C SER E 24 33.27 23.23 -21.60
N VAL E 25 33.24 22.10 -22.29
CA VAL E 25 33.03 20.78 -21.68
C VAL E 25 34.01 19.80 -22.30
N VAL E 26 34.68 19.02 -21.44
CA VAL E 26 35.56 17.97 -21.90
C VAL E 26 35.34 16.69 -21.08
N HIS E 27 35.83 15.57 -21.58
CA HIS E 27 35.80 14.30 -20.84
C HIS E 27 37.08 14.11 -20.11
N VAL E 28 36.98 13.76 -18.81
CA VAL E 28 38.14 13.42 -18.00
C VAL E 28 37.80 12.31 -17.05
N ALA E 29 38.81 11.71 -16.43
CA ALA E 29 38.58 10.50 -15.59
C ALA E 29 38.34 10.80 -14.15
N SER E 30 38.62 12.03 -13.72
CA SER E 30 38.51 12.37 -12.31
C SER E 30 38.29 13.88 -12.05
N ALA E 31 37.88 14.18 -10.84
CA ALA E 31 37.63 15.54 -10.38
C ALA E 31 38.89 16.32 -10.49
N GLN E 32 39.98 15.67 -10.15
CA GLN E 32 41.29 16.27 -10.17
C GLN E 32 41.71 16.74 -11.58
N ASP E 33 41.46 15.90 -12.55
CA ASP E 33 41.75 16.24 -13.98
C ASP E 33 40.79 17.33 -14.43
N CYS E 34 39.58 17.35 -13.88
CA CYS E 34 38.70 18.43 -14.19
C CYS E 34 39.23 19.80 -13.70
N MET E 35 39.75 19.80 -12.48
CA MET E 35 40.31 21.01 -11.87
C MET E 35 41.47 21.50 -12.66
N LYS E 36 42.24 20.55 -13.13
CA LYS E 36 43.39 20.84 -13.98
C LYS E 36 42.92 21.48 -15.29
N GLU E 37 41.87 20.97 -15.89
CA GLU E 37 41.29 21.67 -17.04
C GLU E 37 40.83 23.06 -16.72
N CYS E 38 40.22 23.21 -15.53
CA CYS E 38 39.76 24.53 -15.06
C CYS E 38 40.94 25.46 -14.96
N GLN E 39 42.01 25.00 -14.37
CA GLN E 39 43.15 25.87 -14.17
C GLN E 39 43.88 26.23 -15.50
N ALA E 40 43.67 25.45 -16.55
CA ALA E 40 44.27 25.84 -17.86
C ALA E 40 43.50 26.99 -18.54
N LEU E 41 42.28 27.29 -18.05
CA LEU E 41 41.49 28.36 -18.65
C LEU E 41 41.52 29.61 -17.73
N PRO E 42 41.94 30.79 -18.25
CA PRO E 42 42.17 31.95 -17.38
C PRO E 42 40.97 32.40 -16.59
N THR E 43 39.74 32.19 -17.10
CA THR E 43 38.56 32.75 -16.45
C THR E 43 37.72 31.65 -15.81
N CYS E 44 38.20 30.40 -15.78
CA CYS E 44 37.44 29.39 -15.10
C CYS E 44 37.53 29.59 -13.55
N SER E 45 36.38 29.91 -12.97
CA SER E 45 36.19 30.03 -11.52
C SER E 45 35.84 28.75 -10.83
N HIS E 46 35.09 27.91 -11.50
CA HIS E 46 34.73 26.66 -10.89
C HIS E 46 34.29 25.66 -11.96
N PHE E 47 34.01 24.43 -11.53
CA PHE E 47 33.64 23.39 -12.45
C PHE E 47 32.66 22.42 -11.86
N THR E 48 31.89 21.78 -12.72
CA THR E 48 31.07 20.61 -12.34
C THR E 48 31.56 19.42 -13.10
N TYR E 49 31.99 18.39 -12.37
CA TYR E 49 32.39 17.12 -12.96
C TYR E 49 31.30 16.11 -12.64
N ASN E 50 30.93 15.26 -13.62
CA ASN E 50 29.92 14.22 -13.40
C ASN E 50 30.55 12.81 -13.49
N LYS E 51 30.39 12.02 -12.42
CA LYS E 51 31.09 10.74 -12.31
C LYS E 51 30.53 9.67 -13.21
N ASN E 52 29.31 9.87 -13.68
CA ASN E 52 28.69 8.98 -14.66
C ASN E 52 29.00 9.37 -16.12
N SER E 53 28.75 10.61 -16.50
CA SER E 53 29.01 10.98 -17.90
C SER E 53 30.52 11.19 -18.16
N LYS E 54 31.31 11.34 -17.09
CA LYS E 54 32.71 11.75 -17.13
C LYS E 54 32.94 13.12 -17.79
N LYS E 55 31.88 13.89 -17.91
CA LYS E 55 32.00 15.27 -18.43
C LYS E 55 32.40 16.28 -17.33
N CYS E 56 33.35 17.14 -17.69
CA CYS E 56 33.90 18.21 -16.89
C CYS E 56 33.44 19.55 -17.54
N HIS E 57 32.60 20.26 -16.82
CA HIS E 57 31.99 21.52 -17.32
C HIS E 57 32.67 22.69 -16.62
N LEU E 58 33.44 23.46 -17.38
CA LEU E 58 34.24 24.57 -16.85
C LEU E 58 33.42 25.85 -16.96
N LYS E 59 33.42 26.64 -15.88
CA LYS E 59 32.49 27.81 -15.79
C LYS E 59 33.24 29.07 -15.30
N ALA E 60 32.89 30.24 -15.87
CA ALA E 60 33.45 31.57 -15.49
C ALA E 60 32.63 32.25 -14.35
N GLY E 61 31.33 32.23 -14.43
CA GLY E 61 30.50 33.08 -13.52
C GLY E 61 30.48 32.48 -12.08
N ALA E 62 29.71 33.09 -11.20
CA ALA E 62 29.49 32.62 -9.86
C ALA E 62 28.74 31.31 -9.95
N PRO E 63 28.98 30.41 -8.99
CA PRO E 63 28.19 29.20 -8.97
C PRO E 63 26.67 29.44 -8.85
N GLU E 64 25.90 28.56 -9.44
CA GLU E 64 24.45 28.55 -9.31
C GLU E 64 24.08 27.12 -8.97
N PHE E 65 24.08 26.82 -7.69
CA PHE E 65 24.04 25.41 -7.26
C PHE E 65 22.67 24.75 -7.52
N TYR E 66 22.70 23.43 -7.83
CA TYR E 66 21.46 22.62 -7.90
C TYR E 66 21.83 21.15 -7.79
N THR E 67 20.81 20.29 -7.80
CA THR E 67 20.93 18.85 -7.65
C THR E 67 20.84 18.09 -8.98
N TYR E 68 21.81 17.21 -9.21
CA TYR E 68 21.93 16.45 -10.42
C TYR E 68 22.83 15.26 -10.17
N THR E 69 22.25 14.08 -10.38
CA THR E 69 22.90 12.81 -10.05
C THR E 69 24.28 12.63 -10.62
N GLY E 70 25.21 12.34 -9.76
CA GLY E 70 26.56 12.13 -10.09
C GLY E 70 27.43 13.42 -10.17
N ASP E 71 26.79 14.62 -10.09
CA ASP E 71 27.57 15.89 -10.19
C ASP E 71 28.44 16.10 -8.92
N MET E 72 29.53 16.80 -9.13
CA MET E 72 30.30 17.40 -8.03
C MET E 72 30.87 18.72 -8.54
N THR E 73 30.95 19.71 -7.65
CA THR E 73 31.24 21.08 -8.05
C THR E 73 32.36 21.54 -7.21
N GLY E 74 33.48 21.84 -7.89
CA GLY E 74 34.65 22.32 -7.19
C GLY E 74 35.11 23.70 -7.67
N PRO E 75 35.95 24.37 -6.85
CA PRO E 75 36.57 25.64 -7.19
C PRO E 75 37.80 25.43 -8.09
N ARG E 76 38.24 26.54 -8.70
CA ARG E 76 39.44 26.56 -9.53
C ARG E 76 40.59 25.91 -8.79
N SER E 77 40.70 26.21 -7.49
CA SER E 77 41.64 25.53 -6.59
C SER E 77 41.03 25.52 -5.19
N CYS E 78 41.24 24.43 -4.45
CA CYS E 78 40.74 24.37 -3.08
C CYS E 78 41.53 25.29 -2.14
N GLU E 79 42.68 25.76 -2.58
CA GLU E 79 43.56 26.52 -1.71
C GLU E 79 43.03 27.87 -1.21
N HIS E 80 41.98 28.37 -1.84
CA HIS E 80 41.49 29.70 -1.53
C HIS E 80 40.51 29.55 -0.34
N ASN E 81 41.06 29.30 0.81
CA ASN E 81 40.25 28.93 1.92
C ASN E 81 40.27 29.91 3.14
N CYS E 82 40.75 31.13 2.92
CA CYS E 82 40.36 32.24 3.78
C CYS E 82 38.86 32.23 3.95
N SER E 83 38.40 32.36 5.18
CA SER E 83 36.99 32.24 5.51
C SER E 83 36.44 33.43 6.33
N ASP E 84 37.25 34.35 6.84
CA ASP E 84 36.63 35.42 7.63
C ASP E 84 36.35 36.70 6.77
N ALA E 85 37.38 37.46 6.44
CA ALA E 85 37.27 38.54 5.49
C ALA E 85 38.44 38.36 4.50
N CYS E 86 38.13 38.24 3.22
CA CYS E 86 39.05 37.63 2.28
C CYS E 86 39.10 38.42 0.98
N TRP E 87 40.18 39.19 0.84
CA TRP E 87 40.41 40.00 -0.32
C TRP E 87 41.01 39.15 -1.44
N MET E 88 40.55 39.40 -2.64
CA MET E 88 41.10 38.69 -3.81
C MET E 88 42.60 38.92 -4.01
N ASP E 89 43.07 40.12 -3.69
CA ASP E 89 44.49 40.41 -3.73
C ASP E 89 45.23 40.29 -2.39
N GLY E 90 44.60 39.78 -1.32
CA GLY E 90 45.27 39.54 -0.04
C GLY E 90 45.16 40.79 0.83
N ASN E 91 44.88 40.59 2.11
CA ASN E 91 44.79 41.66 3.09
C ASN E 91 44.73 41.02 4.48
N ASN E 92 45.47 41.56 5.44
CA ASN E 92 45.40 41.17 6.84
C ASN E 92 44.70 42.29 7.64
N PRO E 93 44.09 41.93 8.74
CA PRO E 93 43.51 42.95 9.62
C PRO E 93 44.55 43.87 10.26
N LEU E 94 44.13 45.08 10.58
CA LEU E 94 44.98 45.96 11.38
C LEU E 94 44.96 45.50 12.79
N ALA E 95 43.85 44.91 13.23
CA ALA E 95 43.76 44.59 14.62
C ALA E 95 42.67 43.53 14.78
N VAL E 96 42.80 42.70 15.80
CA VAL E 96 41.85 41.65 16.10
C VAL E 96 41.79 41.56 17.60
N TRP E 97 40.59 41.81 18.14
CA TRP E 97 40.40 41.83 19.57
C TRP E 97 39.16 41.11 20.02
N ASP E 98 39.28 40.53 21.19
CA ASP E 98 38.16 39.97 21.92
C ASP E 98 37.38 41.15 22.54
N TYR E 99 36.18 41.36 22.04
CA TYR E 99 35.29 42.38 22.52
C TYR E 99 34.06 41.77 23.24
N SER E 100 34.21 40.65 23.99
CA SER E 100 33.05 40.07 24.68
C SER E 100 32.46 41.10 25.58
N GLY E 101 31.14 41.13 25.64
CA GLY E 101 30.41 42.10 26.45
C GLY E 101 30.42 43.53 25.93
N GLN E 102 30.84 43.76 24.67
CA GLN E 102 30.88 45.09 24.08
C GLN E 102 29.89 45.17 22.96
N PRO E 103 29.29 46.35 22.77
CA PRO E 103 28.46 46.57 21.62
C PRO E 103 29.31 46.79 20.36
N PRO E 104 28.75 46.49 19.18
CA PRO E 104 29.40 46.73 17.91
C PRO E 104 29.81 48.18 17.74
N ALA E 105 29.04 49.12 18.31
CA ALA E 105 29.44 50.54 18.19
C ALA E 105 30.80 50.80 18.80
N LEU E 106 31.26 50.01 19.77
CA LEU E 106 32.60 50.23 20.27
C LEU E 106 33.67 49.73 19.32
N CYS E 107 33.31 48.81 18.44
CA CYS E 107 34.25 48.34 17.41
C CYS E 107 34.30 49.36 16.29
N TRP E 108 33.17 49.97 16.01
CA TRP E 108 33.12 51.17 15.16
C TRP E 108 34.07 52.28 15.70
N ALA E 109 34.03 52.47 17.00
CA ALA E 109 34.87 53.44 17.70
C ALA E 109 36.31 53.09 17.49
N ALA E 110 36.61 51.80 17.64
CA ALA E 110 37.95 51.31 17.42
C ALA E 110 38.42 51.64 16.01
N CYS E 111 37.56 51.45 15.02
CA CYS E 111 37.92 51.79 13.62
C CYS E 111 38.12 53.31 13.43
N MET E 112 37.21 54.10 13.97
CA MET E 112 37.33 55.56 13.93
C MET E 112 38.68 55.99 14.49
N GLY E 113 39.06 55.44 15.64
CA GLY E 113 40.29 55.78 16.28
C GLY E 113 41.55 55.12 15.75
N THR E 114 41.46 54.33 14.68
CA THR E 114 42.62 53.64 14.17
C THR E 114 42.95 54.19 12.80
N PRO E 115 44.13 54.83 12.72
CA PRO E 115 44.45 55.45 11.41
C PRO E 115 44.50 54.40 10.28
N GLY E 116 43.91 54.71 9.15
CA GLY E 116 43.88 53.76 8.01
C GLY E 116 42.69 52.78 8.07
N CYS E 117 41.92 52.74 9.16
CA CYS E 117 40.79 51.76 9.25
C CYS E 117 39.64 52.23 8.43
N ASP E 118 39.20 51.43 7.43
CA ASP E 118 38.07 51.76 6.60
C ASP E 118 36.81 50.97 6.92
N LEU E 119 36.99 49.81 7.56
CA LEU E 119 35.86 48.94 7.86
C LEU E 119 36.16 48.08 9.04
N TYR E 120 35.11 47.52 9.66
CA TYR E 120 35.33 46.52 10.72
C TYR E 120 34.38 45.36 10.53
N THR E 121 34.70 44.22 11.14
CA THR E 121 33.71 43.11 11.32
C THR E 121 33.52 42.89 12.79
N PHE E 122 32.34 42.40 13.17
CA PHE E 122 32.06 42.20 14.57
C PHE E 122 31.26 40.89 14.76
N GLN E 123 31.76 39.80 14.17
CA GLN E 123 31.12 38.48 14.30
C GLN E 123 31.58 37.87 15.62
N GLY E 124 30.61 37.36 16.38
CA GLY E 124 30.83 36.69 17.65
C GLY E 124 31.58 37.53 18.66
N MET E 125 31.38 38.84 18.66
CA MET E 125 32.04 39.80 19.55
C MET E 125 33.54 39.88 19.45
N THR E 126 34.04 39.57 18.24
CA THR E 126 35.44 39.75 17.97
C THR E 126 35.51 40.94 17.02
N CYS E 127 36.27 41.96 17.43
CA CYS E 127 36.37 43.23 16.69
C CYS E 127 37.61 43.06 15.80
N LYS E 128 37.39 43.14 14.49
CA LYS E 128 38.49 43.11 13.55
C LYS E 128 38.41 44.32 12.67
N LEU E 129 39.55 45.01 12.52
CA LEU E 129 39.63 46.27 11.77
C LEU E 129 40.46 46.04 10.53
N TYR E 130 40.06 46.68 9.42
CA TYR E 130 40.69 46.49 8.13
C TYR E 130 40.87 47.81 7.43
N SER E 131 41.99 47.91 6.72
CA SER E 131 42.17 48.95 5.69
C SER E 131 41.81 48.43 4.30
N GLN E 132 41.16 49.22 3.46
CA GLN E 132 40.98 48.80 2.05
C GLN E 132 42.37 48.62 1.36
N THR E 133 42.44 47.85 0.28
CA THR E 133 43.71 47.65 -0.42
C THR E 133 43.67 48.49 -1.72
N SER E 134 44.80 48.53 -2.43
CA SER E 134 44.96 49.28 -3.70
C SER E 134 44.67 48.39 -4.90
N GLN F 4 17.37 61.70 25.68
CA GLN F 4 17.34 61.75 24.18
C GLN F 4 18.41 60.80 23.55
N LEU F 5 19.54 60.63 24.24
CA LEU F 5 20.77 59.91 23.74
C LEU F 5 20.86 58.48 24.30
N ASP F 6 20.82 57.48 23.44
CA ASP F 6 20.82 56.07 23.89
C ASP F 6 22.20 55.68 24.46
N VAL F 7 22.16 55.22 25.70
CA VAL F 7 23.31 54.69 26.40
C VAL F 7 23.08 53.26 26.82
N SER F 8 22.10 52.58 26.19
CA SER F 8 21.70 51.21 26.62
C SER F 8 22.61 50.13 26.02
N CYS F 9 23.39 50.46 25.00
CA CYS F 9 24.23 49.45 24.25
C CYS F 9 25.45 49.01 24.97
N PHE F 10 25.84 49.70 26.03
CA PHE F 10 26.92 49.26 26.85
C PHE F 10 26.52 49.05 28.31
N ALA F 11 27.29 48.24 29.01
CA ALA F 11 27.08 47.93 30.43
C ALA F 11 27.45 49.12 31.31
N HIS F 12 26.60 49.41 32.29
CA HIS F 12 26.82 50.49 33.26
C HIS F 12 27.40 50.02 34.56
N ASP F 13 27.18 48.73 34.84
CA ASP F 13 27.56 48.16 36.13
C ASP F 13 28.69 47.16 36.06
N LYS F 14 29.47 47.07 34.99
CA LYS F 14 30.51 46.05 34.97
C LYS F 14 31.93 46.50 35.22
N ASN F 15 32.13 47.74 35.67
CA ASN F 15 33.46 48.24 35.91
C ASN F 15 34.37 48.24 34.69
N ILE F 16 33.82 48.51 33.53
CA ILE F 16 34.62 48.48 32.33
C ILE F 16 35.13 49.89 32.08
N GLY F 17 36.44 50.02 32.07
CA GLY F 17 37.08 51.30 31.78
C GLY F 17 37.88 51.15 30.49
N SER F 18 38.39 52.28 30.01
CA SER F 18 39.34 52.33 28.92
C SER F 18 40.55 53.14 29.30
N ARG F 19 41.74 52.57 29.10
CA ARG F 19 43.00 53.28 29.40
C ARG F 19 43.41 54.23 28.29
N THR F 20 42.68 54.32 27.17
CA THR F 20 43.14 55.14 26.12
C THR F 20 43.43 56.59 26.54
N GLU F 21 44.46 57.14 25.95
CA GLU F 21 44.90 58.48 26.27
C GLU F 21 43.73 59.48 26.17
N GLN F 22 43.64 60.38 27.13
CA GLN F 22 42.53 61.33 27.24
C GLN F 22 42.64 62.46 26.26
N LEU F 23 41.52 62.77 25.67
CA LEU F 23 41.37 63.94 24.88
C LEU F 23 40.94 65.07 25.86
N SER F 24 40.25 64.73 26.94
CA SER F 24 39.59 65.73 27.78
C SER F 24 39.00 64.99 29.02
N VAL F 25 38.94 65.63 30.18
CA VAL F 25 38.22 65.06 31.30
C VAL F 25 37.26 66.13 31.84
N VAL F 26 35.97 65.82 32.03
CA VAL F 26 34.98 66.77 32.53
C VAL F 26 34.12 66.08 33.60
N HIS F 27 33.58 66.83 34.54
CA HIS F 27 32.64 66.25 35.49
C HIS F 27 31.23 66.39 34.95
N VAL F 28 30.49 65.29 34.90
CA VAL F 28 29.09 65.25 34.51
C VAL F 28 28.37 64.24 35.41
N ALA F 29 27.03 64.23 35.36
CA ALA F 29 26.23 63.50 36.36
C ALA F 29 25.57 62.25 35.77
N SER F 30 25.73 62.00 34.47
CA SER F 30 25.17 60.83 33.83
C SER F 30 25.99 60.39 32.60
N ALA F 31 25.84 59.11 32.25
CA ALA F 31 26.47 58.52 31.06
C ALA F 31 26.07 59.30 29.84
N GLN F 32 24.82 59.74 29.78
CA GLN F 32 24.35 60.47 28.60
C GLN F 32 25.00 61.76 28.41
N ASP F 33 25.23 62.46 29.51
CA ASP F 33 25.96 63.73 29.42
C ASP F 33 27.38 63.49 28.94
N CYS F 34 27.96 62.34 29.36
CA CYS F 34 29.31 62.03 28.97
C CYS F 34 29.36 61.82 27.48
N MET F 35 28.35 61.16 26.92
CA MET F 35 28.28 60.89 25.48
C MET F 35 28.09 62.18 24.73
N LYS F 36 27.27 63.07 25.28
CA LYS F 36 27.08 64.41 24.71
C LYS F 36 28.41 65.17 24.66
N GLU F 37 29.19 65.11 25.71
CA GLU F 37 30.52 65.78 25.69
C GLU F 37 31.44 65.14 24.64
N CYS F 38 31.33 63.80 24.49
CA CYS F 38 32.10 63.08 23.47
C CYS F 38 31.68 63.55 22.08
N GLN F 39 30.38 63.64 21.82
CA GLN F 39 29.92 64.06 20.50
C GLN F 39 30.25 65.51 20.16
N ALA F 40 30.55 66.34 21.15
CA ALA F 40 30.95 67.74 20.93
C ALA F 40 32.39 67.80 20.43
N LEU F 41 33.18 66.78 20.66
CA LEU F 41 34.55 66.76 20.16
C LEU F 41 34.66 65.93 18.88
N PRO F 42 35.17 66.52 17.79
CA PRO F 42 35.14 65.77 16.55
C PRO F 42 35.97 64.50 16.53
N THR F 43 37.07 64.37 17.28
CA THR F 43 37.80 63.10 17.26
C THR F 43 37.50 62.17 18.46
N CYS F 44 36.49 62.46 19.29
CA CYS F 44 36.17 61.53 20.38
C CYS F 44 35.50 60.26 19.82
N SER F 45 36.15 59.12 19.98
CA SER F 45 35.61 57.80 19.52
C SER F 45 34.79 57.14 20.63
N HIS F 46 35.19 57.36 21.88
CA HIS F 46 34.52 56.72 23.00
C HIS F 46 34.86 57.43 24.31
N PHE F 47 34.22 57.00 25.39
CA PHE F 47 34.39 57.61 26.68
C PHE F 47 34.31 56.58 27.79
N THR F 48 34.93 56.90 28.93
CA THR F 48 34.73 56.21 30.19
C THR F 48 34.16 57.23 31.19
N TYR F 49 32.95 56.95 31.67
CA TYR F 49 32.27 57.74 32.73
C TYR F 49 32.41 56.93 34.04
N ASN F 50 32.78 57.57 35.12
CA ASN F 50 32.88 56.83 36.38
C ASN F 50 31.79 57.30 37.33
N LYS F 51 30.91 56.38 37.76
CA LYS F 51 29.72 56.74 38.59
C LYS F 51 30.07 57.33 39.95
N ASN F 52 31.24 57.04 40.48
CA ASN F 52 31.61 57.49 41.82
C ASN F 52 32.37 58.82 41.76
N SER F 53 33.32 58.98 40.84
CA SER F 53 34.02 60.27 40.77
C SER F 53 33.25 61.33 39.93
N LYS F 54 32.27 60.88 39.17
CA LYS F 54 31.53 61.71 38.24
C LYS F 54 32.41 62.29 37.12
N LYS F 55 33.56 61.67 36.89
CA LYS F 55 34.44 62.06 35.82
C LYS F 55 34.09 61.35 34.49
N CYS F 56 34.07 62.17 33.45
CA CYS F 56 33.85 61.78 32.09
C CYS F 56 35.18 61.97 31.37
N HIS F 57 35.75 60.85 30.93
CA HIS F 57 37.02 60.84 30.23
C HIS F 57 36.83 60.57 28.72
N LEU F 58 37.04 61.58 27.89
CA LEU F 58 36.81 61.52 26.46
C LEU F 58 38.07 61.06 25.79
N LYS F 59 37.95 60.18 24.79
CA LYS F 59 39.12 59.53 24.17
C LYS F 59 39.02 59.48 22.66
N ALA F 60 40.17 59.61 21.99
CA ALA F 60 40.26 59.61 20.53
C ALA F 60 40.64 58.26 19.94
N GLY F 61 41.60 57.58 20.50
CA GLY F 61 42.07 56.33 19.89
C GLY F 61 41.12 55.12 20.16
N ALA F 62 41.57 53.95 19.77
CA ALA F 62 40.81 52.75 19.96
C ALA F 62 40.73 52.46 21.48
N PRO F 63 39.61 51.91 21.96
CA PRO F 63 39.54 51.47 23.34
C PRO F 63 40.62 50.50 23.79
N GLU F 64 41.02 50.62 25.05
CA GLU F 64 41.99 49.76 25.73
C GLU F 64 41.37 49.32 27.03
N PHE F 65 40.58 48.27 26.99
CA PHE F 65 39.69 47.95 28.09
C PHE F 65 40.44 47.43 29.29
N TYR F 66 39.94 47.77 30.47
CA TYR F 66 40.47 47.24 31.70
C TYR F 66 39.36 47.33 32.74
N THR F 67 39.63 46.91 33.97
CA THR F 67 38.65 46.96 35.03
C THR F 67 39.02 48.03 36.04
N TYR F 68 38.04 48.87 36.39
CA TYR F 68 38.18 49.92 37.37
C TYR F 68 36.80 50.17 38.00
N THR F 69 36.72 50.16 39.33
CA THR F 69 35.45 50.23 40.06
C THR F 69 34.63 51.44 39.68
N GLY F 70 33.38 51.24 39.26
CA GLY F 70 32.50 52.36 38.93
C GLY F 70 32.53 52.90 37.49
N ASP F 71 33.47 52.41 36.71
CA ASP F 71 33.62 52.82 35.27
C ASP F 71 32.60 52.18 34.39
N MET F 72 32.24 52.91 33.34
CA MET F 72 31.54 52.31 32.19
C MET F 72 32.11 53.00 30.95
N THR F 73 32.16 52.28 29.84
CA THR F 73 32.75 52.72 28.60
C THR F 73 31.75 52.62 27.42
N GLY F 74 31.44 53.76 26.83
CA GLY F 74 30.51 53.85 25.77
C GLY F 74 31.12 54.38 24.49
N PRO F 75 30.46 54.13 23.37
CA PRO F 75 30.90 54.64 22.10
C PRO F 75 30.44 56.04 21.90
N ARG F 76 30.97 56.71 20.87
CA ARG F 76 30.58 58.08 20.53
C ARG F 76 29.07 58.13 20.39
N SER F 77 28.52 57.11 19.75
CA SER F 77 27.09 56.95 19.69
C SER F 77 26.77 55.45 19.68
N CYS F 78 25.67 55.08 20.30
CA CYS F 78 25.22 53.67 20.27
C CYS F 78 24.66 53.23 18.91
N GLU F 79 24.44 54.18 18.03
CA GLU F 79 23.76 53.89 16.78
C GLU F 79 24.51 53.09 15.74
N HIS F 80 25.84 53.01 15.89
CA HIS F 80 26.71 52.44 14.88
C HIS F 80 26.71 50.93 15.19
N ASN F 81 25.64 50.26 14.80
CA ASN F 81 25.44 48.92 15.24
C ASN F 81 25.39 47.89 14.08
N CYS F 82 25.91 48.28 12.93
CA CYS F 82 26.30 47.30 11.95
C CYS F 82 27.23 46.28 12.61
N SER F 83 27.03 45.00 12.31
CA SER F 83 27.79 43.95 13.00
C SER F 83 28.50 42.90 12.16
N ASP F 84 28.21 42.83 10.87
CA ASP F 84 28.82 41.81 10.02
C ASP F 84 30.05 42.37 9.31
N ALA F 85 29.91 43.14 8.24
CA ALA F 85 31.04 43.79 7.63
C ALA F 85 30.57 45.22 7.42
N CYS F 86 31.31 46.13 8.02
CA CYS F 86 30.78 47.48 8.29
C CYS F 86 31.77 48.59 7.89
N TRP F 87 31.50 49.24 6.78
CA TRP F 87 32.36 50.29 6.28
C TRP F 87 32.01 51.61 6.95
N MET F 88 33.02 52.37 7.33
CA MET F 88 32.79 53.64 7.97
C MET F 88 31.97 54.58 7.07
N ASP F 89 32.14 54.49 5.75
CA ASP F 89 31.35 55.31 4.86
C ASP F 89 30.12 54.57 4.28
N GLY F 90 29.78 53.40 4.80
CA GLY F 90 28.56 52.67 4.35
C GLY F 90 28.88 51.83 3.09
N ASN F 91 28.28 50.66 3.00
CA ASN F 91 28.49 49.68 1.91
C ASN F 91 27.60 48.45 2.07
N ASN F 92 26.89 48.07 1.03
CA ASN F 92 26.07 46.85 1.06
C ASN F 92 26.77 45.73 0.29
N PRO F 93 26.49 44.47 0.64
CA PRO F 93 27.08 43.36 -0.13
C PRO F 93 26.51 43.39 -1.54
N LEU F 94 27.28 42.86 -2.47
CA LEU F 94 26.83 42.60 -3.81
C LEU F 94 25.90 41.37 -3.87
N ALA F 95 26.08 40.40 -2.96
CA ALA F 95 25.33 39.20 -2.97
C ALA F 95 25.49 38.57 -1.54
N VAL F 96 24.47 37.88 -1.11
CA VAL F 96 24.45 37.14 0.16
C VAL F 96 23.74 35.82 -0.18
N TRP F 97 24.47 34.71 -0.09
CA TRP F 97 23.95 33.43 -0.36
C TRP F 97 24.24 32.39 0.73
N ASP F 98 23.28 31.51 0.94
CA ASP F 98 23.48 30.31 1.73
C ASP F 98 24.38 29.30 0.95
N TYR F 99 25.57 29.06 1.48
CA TYR F 99 26.57 28.15 0.93
C TYR F 99 26.77 26.93 1.83
N SER F 100 25.70 26.45 2.49
CA SER F 100 25.76 25.24 3.33
C SER F 100 26.35 24.14 2.54
N GLY F 101 27.28 23.44 3.12
CA GLY F 101 27.89 22.27 2.52
C GLY F 101 28.94 22.64 1.48
N GLN F 102 29.33 23.94 1.40
CA GLN F 102 30.31 24.36 0.38
C GLN F 102 31.58 24.84 1.03
N PRO F 103 32.73 24.62 0.41
CA PRO F 103 33.96 25.16 1.00
C PRO F 103 34.15 26.66 0.70
N PRO F 104 34.99 27.33 1.46
CA PRO F 104 35.21 28.75 1.28
C PRO F 104 35.76 29.07 -0.15
N ALA F 105 36.47 28.11 -0.74
CA ALA F 105 36.98 28.25 -2.09
C ALA F 105 35.87 28.60 -3.09
N LEU F 106 34.68 28.03 -2.93
CA LEU F 106 33.63 28.30 -3.86
C LEU F 106 33.04 29.70 -3.71
N CYS F 107 33.23 30.30 -2.53
CA CYS F 107 32.88 31.69 -2.32
C CYS F 107 33.90 32.60 -3.00
N TRP F 108 35.18 32.26 -2.87
CA TRP F 108 36.23 32.90 -3.61
C TRP F 108 35.89 32.84 -5.16
N ALA F 109 35.49 31.67 -5.64
CA ALA F 109 35.07 31.50 -7.03
C ALA F 109 33.93 32.44 -7.38
N ALA F 110 32.95 32.55 -6.49
CA ALA F 110 31.85 33.48 -6.70
C ALA F 110 32.39 34.88 -6.84
N CYS F 111 33.36 35.27 -6.02
CA CYS F 111 33.89 36.62 -6.11
C CYS F 111 34.64 36.82 -7.45
N MET F 112 35.48 35.85 -7.79
CA MET F 112 36.18 35.85 -9.06
C MET F 112 35.19 36.00 -10.20
N GLY F 113 34.10 35.24 -10.20
CA GLY F 113 33.15 35.35 -11.29
C GLY F 113 32.13 36.48 -11.22
N THR F 114 32.26 37.40 -10.26
CA THR F 114 31.32 38.52 -10.09
C THR F 114 32.03 39.82 -10.36
N PRO F 115 31.66 40.52 -11.47
CA PRO F 115 32.32 41.84 -11.76
C PRO F 115 32.20 42.81 -10.61
N GLY F 116 33.30 43.45 -10.25
CA GLY F 116 33.29 44.42 -9.16
C GLY F 116 33.60 43.82 -7.76
N CYS F 117 33.58 42.50 -7.64
CA CYS F 117 33.82 41.90 -6.32
C CYS F 117 35.28 41.98 -5.97
N ASP F 118 35.57 42.57 -4.82
CA ASP F 118 36.97 42.69 -4.35
C ASP F 118 37.27 41.80 -3.14
N LEU F 119 36.23 41.44 -2.39
CA LEU F 119 36.45 40.57 -1.23
C LEU F 119 35.15 39.82 -0.93
N TYR F 120 35.29 38.77 -0.11
CA TYR F 120 34.19 38.02 0.38
C TYR F 120 34.37 37.72 1.88
N THR F 121 33.24 37.43 2.54
CA THR F 121 33.24 36.80 3.85
C THR F 121 32.54 35.45 3.75
N PHE F 122 32.92 34.52 4.63
CA PHE F 122 32.38 33.17 4.62
C PHE F 122 32.17 32.69 6.08
N GLN F 123 31.46 33.48 6.87
CA GLN F 123 31.12 33.09 8.22
C GLN F 123 29.86 32.28 8.22
N GLY F 124 29.82 31.21 9.01
CA GLY F 124 28.68 30.28 9.02
C GLY F 124 28.20 29.74 7.68
N MET F 125 29.11 29.54 6.73
CA MET F 125 28.74 29.08 5.39
C MET F 125 27.75 29.97 4.65
N THR F 126 27.77 31.25 4.99
CA THR F 126 27.04 32.24 4.20
C THR F 126 28.11 32.97 3.38
N CYS F 127 27.97 32.97 2.06
CA CYS F 127 28.95 33.63 1.16
C CYS F 127 28.41 35.01 0.92
N LYS F 128 29.17 36.01 1.33
CA LYS F 128 28.81 37.38 1.06
C LYS F 128 29.90 38.02 0.22
N LEU F 129 29.53 38.72 -0.84
CA LEU F 129 30.52 39.37 -1.71
C LEU F 129 30.44 40.84 -1.56
N TYR F 130 31.59 41.52 -1.64
CA TYR F 130 31.65 43.00 -1.50
C TYR F 130 32.57 43.62 -2.56
N SER F 131 32.19 44.81 -2.99
CA SER F 131 33.10 45.74 -3.70
C SER F 131 33.66 46.76 -2.74
N GLN F 132 34.96 47.07 -2.83
CA GLN F 132 35.51 48.20 -2.06
C GLN F 132 34.76 49.54 -2.40
N THR F 133 34.70 50.50 -1.48
CA THR F 133 34.10 51.83 -1.75
C THR F 133 35.20 52.82 -2.13
N SER F 134 34.83 53.97 -2.70
CA SER F 134 35.82 55.02 -3.10
C SER F 134 36.04 56.07 -2.00
C1 YIO G . -45.12 -59.62 -32.08
C2 YIO G . -45.04 -58.59 -30.91
C3 YIO G . -43.68 -58.93 -30.17
C4 YIO G . -43.69 -60.29 -29.41
C5 YIO G . -44.25 -61.30 -30.40
C6 YIO G . -44.67 -62.38 -29.49
O2 YIO G . -45.22 -57.19 -31.32
O3 YIO G . -43.13 -57.88 -29.38
O4 YIO G . -44.49 -60.40 -28.22
O5 YIO G . -45.40 -60.88 -31.25
O6 YIO G . -43.61 -63.26 -29.51
S1 YIO G . -46.13 -59.41 -33.64
CL CL H . -27.73 -21.07 -7.72
CL CL I . -34.47 -65.87 -39.74
CL CL J . -38.28 -66.72 -14.50
CL CL K . -37.07 -44.04 0.63
C1 YIO L . -26.59 -21.05 17.46
C2 YIO L . -26.75 -21.83 16.10
C3 YIO L . -28.29 -21.83 15.90
C4 YIO L . -28.93 -22.67 16.96
C5 YIO L . -28.57 -22.08 18.35
C6 YIO L . -29.21 -22.76 19.54
O2 YIO L . -26.00 -21.28 14.97
O3 YIO L . -28.68 -22.33 14.67
O4 YIO L . -28.48 -24.02 16.88
O5 YIO L . -27.10 -22.08 18.42
O6 YIO L . -30.66 -22.58 19.49
S1 YIO L . -25.03 -20.17 17.98
C1 GOL M . -40.47 -35.62 18.34
O1 GOL M . -39.11 -35.30 18.41
C2 GOL M . -40.71 -35.39 16.90
O2 GOL M . -40.45 -36.56 16.13
C3 GOL M . -42.10 -34.89 16.66
O3 GOL M . -42.05 -33.50 16.53
CL CL N . -32.92 -38.55 -27.61
C1 YIO O . -5.86 -19.64 -24.21
C2 YIO O . -5.59 -18.50 -23.17
C3 YIO O . -4.50 -19.08 -22.26
C4 YIO O . -5.02 -20.21 -21.46
C5 YIO O . -5.54 -21.26 -22.46
C6 YIO O . -6.16 -22.33 -21.63
O2 YIO O . -5.12 -17.30 -23.83
O3 YIO O . -3.81 -18.19 -21.43
O4 YIO O . -6.13 -19.80 -20.73
O5 YIO O . -6.53 -20.77 -23.44
O6 YIO O . -5.09 -23.14 -21.31
S1 YIO O . -6.65 -19.35 -25.85
C1 GOL P . -4.40 -25.99 -5.55
O1 GOL P . -5.23 -25.27 -6.40
C2 GOL P . -3.45 -25.04 -4.91
O2 GOL P . -3.96 -24.33 -3.80
C3 GOL P . -2.19 -25.80 -4.57
O3 GOL P . -1.51 -25.75 -5.79
C1 GOL Q . 4.72 -27.94 -10.73
O1 GOL Q . 6.00 -27.82 -11.47
C2 GOL Q . 3.66 -28.94 -11.27
O2 GOL Q . 2.23 -28.64 -11.17
C3 GOL Q . 3.82 -28.98 -12.76
O3 GOL Q . 2.60 -28.53 -13.24
CL CL R . -14.61 -16.27 -15.49
CL CL S . 9.22 17.91 3.06
C1 YIO T . 7.42 16.28 28.15
C2 YIO T . 7.30 15.48 26.80
C3 YIO T . 5.83 15.74 26.24
C4 YIO T . 4.79 15.15 27.17
C5 YIO T . 5.16 15.67 28.57
C6 YIO T . 4.28 15.23 29.68
O2 YIO T . 8.38 15.76 25.85
O3 YIO T . 5.58 15.20 24.94
O4 YIO T . 4.77 13.73 27.07
O5 YIO T . 6.55 15.36 28.92
O6 YIO T . 2.94 15.25 29.23
S1 YIO T . 8.99 16.74 29.03
CL CL U . 7.05 1.45 -18.45
CL CL V . -10.34 15.03 26.64
C1 YIO W . 24.38 20.15 -17.17
C2 YIO W . 25.00 21.41 -16.48
C3 YIO W . 26.39 21.08 -15.79
C4 YIO W . 26.29 19.82 -15.01
C5 YIO W . 25.69 18.82 -15.96
C6 YIO W . 25.56 17.51 -15.34
O2 YIO W . 25.10 22.48 -17.46
O3 YIO W . 26.82 22.05 -14.84
O4 YIO W . 25.43 20.05 -13.89
O5 YIO W . 24.36 19.25 -16.09
O6 YIO W . 26.86 17.08 -15.15
S1 YIO W . 22.68 20.17 -17.90
C1 GOL X . 39.03 12.42 -7.21
O1 GOL X . 39.86 13.04 -8.27
C2 GOL X . 37.87 11.49 -7.61
O2 GOL X . 36.62 11.66 -6.97
C3 GOL X . 37.46 11.68 -9.03
O3 GOL X . 36.08 11.76 -9.01
C1 GOL Y . 33.22 12.93 0.28
O1 GOL Y . 33.04 13.49 -0.97
C2 GOL Y . 31.90 13.12 1.00
O2 GOL Y . 31.58 14.49 1.19
C3 GOL Y . 30.83 12.53 0.14
O3 GOL Y . 30.45 13.64 -0.57
C1 GOL Z . 29.89 6.63 -20.29
O1 GOL Z . 29.07 7.76 -20.28
C2 GOL Z . 31.28 7.13 -19.99
O2 GOL Z . 31.96 6.17 -19.20
C3 GOL Z . 32.01 7.38 -21.28
O3 GOL Z . 31.76 8.68 -21.74
C1 YIO AA . 41.88 56.97 34.21
C2 YIO AA . 41.58 56.07 32.98
C3 YIO AA . 40.06 56.37 32.54
C4 YIO AA . 39.10 55.90 33.61
C5 YIO AA . 39.62 56.46 34.92
C6 YIO AA . 38.75 56.12 36.10
O2 YIO AA . 42.62 56.19 31.96
O3 YIO AA . 39.64 55.68 31.36
O4 YIO AA . 39.13 54.46 33.65
O5 YIO AA . 41.08 56.13 35.14
O6 YIO AA . 37.37 56.25 35.74
S1 YIO AA . 43.61 57.46 34.76
C1 GOL BA . 24.56 55.10 34.62
O1 GOL BA . 23.95 54.19 35.50
C2 GOL BA . 23.75 56.38 34.38
O2 GOL BA . 24.80 57.30 34.32
C3 GOL BA . 22.85 56.41 33.12
O3 GOL BA . 22.88 57.65 32.40
CL CL CA . 34.99 69.99 35.75
CL CL DA . 24.76 46.47 33.14
CL CL EA . 41.98 58.03 9.19
CL CL FA . 36.37 42.22 -12.08
#